data_4QYM
#
_entry.id   4QYM
#
_cell.length_a   100.964
_cell.length_b   97.555
_cell.length_c   150.151
_cell.angle_alpha   90.00
_cell.angle_beta   90.00
_cell.angle_gamma   90.00
#
_symmetry.space_group_name_H-M   'C 2 2 21'
#
loop_
_entity.id
_entity.type
_entity.pdbx_description
1 polymer 'Amino acid/amide ABC transporter substrate-binding protein, HAAT family'
2 non-polymer METHIONINE
3 non-polymer VALINE
4 non-polymer 'MAGNESIUM ION'
5 water water
#
_entity_poly.entity_id   1
_entity_poly.type   'polypeptide(L)'
_entity_poly.pdbx_seq_one_letter_code
;SNATNTDTNSTNNSPNNTTNTTTNVTTTSDKNTIPIGIALAQTSNVALLGQEQVAGAKIAEKYFNDKGGVNGTPIKLIFQ
DTAGDEAGTINAFQTLINKDKVVGIVGPTLSQQAFSANPIAERAKVPVVGPSNTAKGIPEIGDYVARVSAPVSVVAPNSV
KAALKQNPNIKKVAVFFAQNDAFSKSETEIFQQTVKDQGLELVTVQKFQTTDTDFQSQATNAINLKPDLVIISGLAADGG
NLVRQLRELGYQGAIIGGDGLNTSNVFAVCKALCDGVLIAQAYSPEYTGEINKAFRQAYVDQYKKEPPQFSAQAFAAVQV
YVESLKALDTKNKVSKIQLPELRTELNKQLLTGKYNTPLGEISFTPIGEVVQKDFYVAQIK(MSE)EKDGSQGKFTFLK
;
_entity_poly.pdbx_strand_id   A,B
#
# COMPACT_ATOMS: atom_id res chain seq x y z
N ASN A 32 23.99 -14.11 27.30
CA ASN A 32 22.69 -13.59 26.92
C ASN A 32 22.79 -12.32 26.07
N THR A 33 22.00 -12.26 25.01
CA THR A 33 22.01 -11.13 24.09
C THR A 33 20.59 -10.74 23.72
N ILE A 34 20.44 -9.55 23.14
CA ILE A 34 19.14 -9.07 22.71
C ILE A 34 19.05 -9.13 21.20
N PRO A 35 18.12 -9.94 20.67
CA PRO A 35 18.05 -10.15 19.22
C PRO A 35 17.31 -9.04 18.48
N ILE A 36 17.99 -8.45 17.50
CA ILE A 36 17.38 -7.48 16.59
C ILE A 36 17.41 -8.05 15.18
N GLY A 37 16.26 -8.05 14.50
CA GLY A 37 16.19 -8.64 13.19
C GLY A 37 16.62 -7.67 12.11
N ILE A 38 17.35 -8.19 11.14
CA ILE A 38 17.73 -7.39 10.00
C ILE A 38 17.20 -8.10 8.76
N ALA A 39 16.22 -7.47 8.10
CA ALA A 39 15.56 -8.06 6.95
C ALA A 39 15.84 -7.18 5.74
N LEU A 40 16.87 -7.55 4.98
CA LEU A 40 17.32 -6.75 3.83
C LEU A 40 17.58 -7.66 2.64
N ALA A 41 17.68 -7.05 1.46
CA ALA A 41 17.96 -7.81 0.25
C ALA A 41 19.43 -8.20 0.18
N GLN A 42 19.71 -9.47 0.44
CA GLN A 42 21.07 -9.98 0.39
C GLN A 42 21.26 -10.83 -0.85
N THR A 43 20.15 -11.16 -1.50
CA THR A 43 20.19 -11.79 -2.81
C THR A 43 19.28 -11.04 -3.78
N SER A 44 19.37 -11.40 -5.06
CA SER A 44 18.64 -10.76 -6.17
C SER A 44 19.29 -9.44 -6.58
N ASN A 45 18.82 -8.85 -7.68
CA ASN A 45 19.34 -7.55 -8.11
C ASN A 45 19.08 -6.44 -7.11
N VAL A 46 18.17 -6.68 -6.18
CA VAL A 46 17.87 -5.70 -5.15
C VAL A 46 19.03 -5.64 -4.14
N ALA A 47 19.82 -6.71 -4.10
CA ALA A 47 21.00 -6.72 -3.23
C ALA A 47 22.05 -5.71 -3.67
N LEU A 48 21.95 -5.20 -4.90
CA LEU A 48 22.83 -4.11 -5.32
C LEU A 48 22.60 -2.88 -4.44
N LEU A 49 21.40 -2.79 -3.88
CA LEU A 49 21.06 -1.71 -2.96
C LEU A 49 21.18 -2.19 -1.51
N GLY A 50 20.81 -3.45 -1.26
CA GLY A 50 20.87 -4.01 0.07
C GLY A 50 22.28 -4.15 0.63
N GLN A 51 23.24 -4.38 -0.26
CA GLN A 51 24.65 -4.60 0.14
C GLN A 51 25.19 -3.54 1.08
N GLU A 52 24.97 -2.28 0.71
CA GLU A 52 25.47 -1.16 1.51
C GLU A 52 24.79 -1.10 2.87
N GLN A 53 23.55 -1.56 2.93
CA GLN A 53 22.78 -1.50 4.17
C GLN A 53 23.28 -2.57 5.14
N VAL A 54 23.49 -3.79 4.65
CA VAL A 54 24.08 -4.84 5.46
C VAL A 54 25.43 -4.38 6.04
N ALA A 55 26.23 -3.71 5.21
CA ALA A 55 27.53 -3.19 5.65
C ALA A 55 27.37 -2.19 6.80
N GLY A 56 26.43 -1.26 6.66
CA GLY A 56 26.18 -0.30 7.71
C GLY A 56 25.68 -0.95 8.99
N ALA A 57 24.81 -1.95 8.85
CA ALA A 57 24.26 -2.63 10.03
C ALA A 57 25.36 -3.37 10.80
N LYS A 58 26.29 -3.98 10.08
CA LYS A 58 27.38 -4.70 10.72
C LYS A 58 28.32 -3.75 11.44
N ILE A 59 28.58 -2.58 10.84
CA ILE A 59 29.41 -1.57 11.50
C ILE A 59 28.73 -1.11 12.79
N ALA A 60 27.42 -0.91 12.75
CA ALA A 60 26.66 -0.50 13.93
C ALA A 60 26.77 -1.55 15.03
N GLU A 61 26.63 -2.83 14.66
CA GLU A 61 26.68 -3.90 15.65
C GLU A 61 27.98 -3.88 16.43
N LYS A 62 29.11 -3.77 15.72
CA LYS A 62 30.40 -3.68 16.38
C LYS A 62 30.52 -2.39 17.21
N TYR A 63 30.11 -1.27 16.62
CA TYR A 63 30.20 0.02 17.32
C TYR A 63 29.46 0.00 18.64
N PHE A 64 28.21 -0.48 18.63
CA PHE A 64 27.41 -0.42 19.85
C PHE A 64 27.78 -1.51 20.84
N ASN A 65 28.15 -2.70 20.36
CA ASN A 65 28.59 -3.73 21.29
C ASN A 65 29.94 -3.40 21.94
N ASP A 66 30.80 -2.70 21.22
CA ASP A 66 32.07 -2.26 21.81
C ASP A 66 31.84 -1.22 22.90
N LYS A 67 30.65 -0.61 22.90
CA LYS A 67 30.27 0.34 23.93
C LYS A 67 29.40 -0.31 25.01
N GLY A 68 29.37 -1.64 25.00
CA GLY A 68 28.65 -2.37 26.03
C GLY A 68 27.24 -2.78 25.67
N GLY A 69 26.84 -2.56 24.42
CA GLY A 69 25.51 -2.95 23.98
C GLY A 69 24.42 -2.19 24.72
N VAL A 70 23.46 -2.93 25.28
CA VAL A 70 22.38 -2.31 26.05
C VAL A 70 22.69 -2.45 27.54
N ASN A 71 23.32 -1.42 28.11
CA ASN A 71 23.69 -1.44 29.54
C ASN A 71 24.42 -2.70 29.96
N GLY A 72 25.32 -3.17 29.09
CA GLY A 72 26.12 -4.34 29.40
C GLY A 72 25.73 -5.58 28.61
N THR A 73 24.48 -5.64 28.15
CA THR A 73 24.00 -6.79 27.41
C THR A 73 24.21 -6.56 25.92
N PRO A 74 25.01 -7.42 25.27
CA PRO A 74 25.23 -7.24 23.83
C PRO A 74 23.95 -7.41 23.02
N ILE A 75 23.85 -6.69 21.92
CA ILE A 75 22.84 -6.99 20.94
C ILE A 75 23.36 -8.07 20.01
N LYS A 76 22.46 -8.75 19.33
CA LYS A 76 22.84 -9.69 18.30
C LYS A 76 21.95 -9.43 17.10
N LEU A 77 22.57 -9.03 15.98
CA LEU A 77 21.80 -8.85 14.75
C LEU A 77 21.56 -10.20 14.12
N ILE A 78 20.30 -10.48 13.82
CA ILE A 78 19.94 -11.71 13.15
C ILE A 78 19.47 -11.36 11.75
N PHE A 79 20.25 -11.78 10.76
CA PHE A 79 19.97 -11.45 9.37
C PHE A 79 19.08 -12.51 8.73
N GLN A 80 17.99 -12.06 8.12
CA GLN A 80 17.17 -12.94 7.28
C GLN A 80 16.96 -12.26 5.94
N ASP A 81 17.49 -12.89 4.90
CA ASP A 81 17.42 -12.36 3.54
C ASP A 81 15.97 -12.28 3.07
N THR A 82 15.60 -11.14 2.49
CA THR A 82 14.26 -10.93 1.93
C THR A 82 14.17 -11.33 0.47
N ALA A 83 15.33 -11.53 -0.16
CA ALA A 83 15.41 -11.58 -1.62
C ALA A 83 14.81 -10.31 -2.19
N GLY A 84 14.26 -10.39 -3.41
CA GLY A 84 13.90 -9.18 -4.14
C GLY A 84 12.42 -8.90 -4.28
N ASP A 85 11.58 -9.74 -3.69
CA ASP A 85 10.13 -9.57 -3.88
C ASP A 85 9.36 -9.42 -2.57
N GLU A 86 8.03 -9.42 -2.67
CA GLU A 86 7.18 -9.23 -1.49
C GLU A 86 7.11 -10.51 -0.66
N ALA A 87 6.88 -11.64 -1.32
CA ALA A 87 6.79 -12.92 -0.65
C ALA A 87 8.05 -13.21 0.18
N GLY A 88 9.22 -12.92 -0.38
CA GLY A 88 10.45 -13.12 0.35
C GLY A 88 10.57 -12.26 1.60
N THR A 89 10.03 -11.05 1.53
CA THR A 89 10.09 -10.14 2.66
C THR A 89 9.11 -10.57 3.74
N ILE A 90 7.90 -10.96 3.33
CA ILE A 90 6.93 -11.51 4.26
C ILE A 90 7.52 -12.72 4.98
N ASN A 91 8.13 -13.64 4.24
CA ASN A 91 8.75 -14.81 4.84
C ASN A 91 9.87 -14.45 5.81
N ALA A 92 10.70 -13.47 5.43
CA ALA A 92 11.77 -13.01 6.32
C ALA A 92 11.23 -12.41 7.61
N PHE A 93 10.21 -11.56 7.50
CA PHE A 93 9.62 -10.95 8.70
C PHE A 93 9.03 -12.01 9.62
N GLN A 94 8.31 -12.97 9.03
CA GLN A 94 7.65 -13.99 9.83
C GLN A 94 8.67 -14.88 10.53
N THR A 95 9.76 -15.19 9.85
CA THR A 95 10.84 -15.97 10.44
C THR A 95 11.48 -15.21 11.60
N LEU A 96 11.77 -13.94 11.40
CA LEU A 96 12.37 -13.13 12.45
C LEU A 96 11.46 -13.01 13.67
N ILE A 97 10.17 -12.81 13.41
CA ILE A 97 9.20 -12.63 14.48
C ILE A 97 8.96 -13.93 15.26
N ASN A 98 8.81 -15.03 14.55
CA ASN A 98 8.33 -16.27 15.15
C ASN A 98 9.41 -17.26 15.54
N LYS A 99 10.46 -17.35 14.74
CA LYS A 99 11.55 -18.28 15.02
C LYS A 99 12.67 -17.59 15.81
N ASP A 100 13.07 -16.41 15.35
CA ASP A 100 14.22 -15.71 15.93
C ASP A 100 13.83 -14.85 17.12
N LYS A 101 12.53 -14.70 17.35
CA LYS A 101 12.00 -13.96 18.48
C LYS A 101 12.63 -12.57 18.64
N VAL A 102 12.78 -11.83 17.53
CA VAL A 102 13.47 -10.55 17.61
C VAL A 102 12.62 -9.50 18.32
N VAL A 103 13.28 -8.53 18.96
CA VAL A 103 12.55 -7.48 19.66
C VAL A 103 12.07 -6.41 18.68
N GLY A 104 12.63 -6.41 17.48
CA GLY A 104 12.28 -5.43 16.46
C GLY A 104 13.01 -5.72 15.18
N ILE A 105 12.54 -5.13 14.08
CA ILE A 105 13.12 -5.39 12.76
C ILE A 105 13.66 -4.11 12.14
N VAL A 106 14.83 -4.22 11.50
CA VAL A 106 15.31 -3.18 10.61
C VAL A 106 15.13 -3.70 9.19
N GLY A 107 14.37 -2.97 8.38
CA GLY A 107 14.15 -3.37 7.00
C GLY A 107 12.80 -2.87 6.54
N PRO A 108 12.38 -3.24 5.33
CA PRO A 108 13.15 -3.98 4.35
C PRO A 108 13.91 -2.99 3.48
N THR A 109 14.52 -3.47 2.40
CA THR A 109 15.26 -2.59 1.51
C THR A 109 14.37 -1.66 0.69
N LEU A 110 13.36 -2.23 0.04
CA LEU A 110 12.50 -1.46 -0.86
C LEU A 110 11.15 -1.06 -0.27
N SER A 111 10.67 0.13 -0.62
CA SER A 111 9.32 0.52 -0.27
C SER A 111 8.32 -0.47 -0.83
N GLN A 112 8.59 -0.97 -2.05
CA GLN A 112 7.72 -1.96 -2.68
C GLN A 112 7.51 -3.16 -1.78
N GLN A 113 8.56 -3.57 -1.08
CA GLN A 113 8.50 -4.69 -0.16
C GLN A 113 7.82 -4.30 1.14
N ALA A 114 8.11 -3.10 1.63
CA ALA A 114 7.54 -2.60 2.88
C ALA A 114 6.01 -2.52 2.87
N PHE A 115 5.44 -2.09 1.75
CA PHE A 115 3.99 -1.94 1.71
C PHE A 115 3.28 -3.29 1.89
N SER A 116 3.92 -4.37 1.44
CA SER A 116 3.33 -5.70 1.55
CA SER A 116 3.33 -5.71 1.57
C SER A 116 3.62 -6.36 2.91
N ALA A 117 4.86 -6.25 3.36
CA ALA A 117 5.34 -6.95 4.54
C ALA A 117 5.19 -6.21 5.87
N ASN A 118 5.33 -4.89 5.88
CA ASN A 118 5.20 -4.16 7.15
C ASN A 118 3.87 -4.41 7.86
N PRO A 119 2.75 -4.53 7.11
CA PRO A 119 1.51 -4.82 7.84
C PRO A 119 1.54 -6.14 8.62
N ILE A 120 2.40 -7.08 8.23
CA ILE A 120 2.59 -8.31 9.00
C ILE A 120 3.15 -7.98 10.39
N ALA A 121 4.16 -7.12 10.44
CA ALA A 121 4.76 -6.73 11.69
C ALA A 121 3.81 -5.87 12.51
N GLU A 122 3.09 -4.98 11.83
CA GLU A 122 2.10 -4.12 12.48
C GLU A 122 1.07 -4.95 13.22
N ARG A 123 0.50 -5.92 12.54
CA ARG A 123 -0.51 -6.80 13.12
C ARG A 123 0.08 -7.61 14.29
N ALA A 124 1.35 -7.98 14.18
CA ALA A 124 2.03 -8.77 15.20
C ALA A 124 2.54 -7.93 16.36
N LYS A 125 2.42 -6.61 16.25
CA LYS A 125 2.93 -5.67 17.25
C LYS A 125 4.44 -5.81 17.47
N VAL A 126 5.15 -5.83 16.34
CA VAL A 126 6.60 -5.85 16.32
C VAL A 126 7.10 -4.59 15.62
N PRO A 127 7.96 -3.81 16.28
CA PRO A 127 8.41 -2.60 15.59
C PRO A 127 9.25 -2.89 14.35
N VAL A 128 9.09 -2.03 13.36
CA VAL A 128 9.91 -2.02 12.17
C VAL A 128 10.47 -0.63 12.03
N VAL A 129 11.77 -0.53 11.80
CA VAL A 129 12.38 0.74 11.43
C VAL A 129 12.97 0.60 10.05
N GLY A 130 12.40 1.33 9.09
CA GLY A 130 12.88 1.31 7.72
C GLY A 130 14.11 2.16 7.54
N PRO A 131 15.17 1.59 6.98
CA PRO A 131 16.41 2.36 6.85
C PRO A 131 16.42 3.24 5.61
N SER A 132 15.73 2.84 4.56
CA SER A 132 15.86 3.43 3.23
CA SER A 132 15.84 3.56 3.29
C SER A 132 14.57 3.53 2.44
N ASN A 133 13.43 3.26 3.07
CA ASN A 133 12.14 3.27 2.35
C ASN A 133 11.59 4.69 2.28
N THR A 134 11.58 5.28 1.09
CA THR A 134 11.31 6.72 0.98
C THR A 134 10.03 7.06 0.23
N ALA A 135 9.26 6.04 -0.14
CA ALA A 135 7.96 6.28 -0.77
C ALA A 135 6.98 6.99 0.19
N LYS A 136 6.10 7.80 -0.38
CA LYS A 136 5.04 8.41 0.41
C LYS A 136 4.18 7.32 1.05
N GLY A 137 3.88 7.46 2.34
CA GLY A 137 2.93 6.58 2.99
C GLY A 137 3.49 5.47 3.86
N ILE A 138 4.80 5.34 3.93
CA ILE A 138 5.40 4.26 4.72
C ILE A 138 5.06 4.32 6.23
N PRO A 139 5.36 5.44 6.92
CA PRO A 139 5.04 5.50 8.36
C PRO A 139 3.55 5.33 8.64
N GLU A 140 2.72 5.75 7.67
CA GLU A 140 1.27 5.66 7.79
C GLU A 140 0.76 4.22 7.78
N ILE A 141 1.63 3.26 7.43
CA ILE A 141 1.24 1.85 7.45
C ILE A 141 0.71 1.42 8.82
N GLY A 142 1.31 1.96 9.90
CA GLY A 142 0.79 1.66 11.21
C GLY A 142 1.63 2.20 12.35
N ASP A 143 1.20 1.89 13.56
CA ASP A 143 1.79 2.44 14.77
C ASP A 143 3.11 1.79 15.15
N TYR A 144 3.46 0.71 14.47
CA TYR A 144 4.73 0.00 14.69
C TYR A 144 5.72 0.22 13.56
N VAL A 145 5.36 1.08 12.61
CA VAL A 145 6.23 1.37 11.47
C VAL A 145 6.83 2.78 11.53
N ALA A 146 8.15 2.84 11.65
CA ALA A 146 8.88 4.10 11.60
C ALA A 146 9.96 3.98 10.53
N ARG A 147 10.57 5.10 10.16
CA ARG A 147 11.70 5.06 9.22
C ARG A 147 12.66 6.17 9.57
N VAL A 148 13.95 5.93 9.29
CA VAL A 148 14.96 6.96 9.51
C VAL A 148 15.34 7.63 8.20
N SER A 149 14.69 7.21 7.11
CA SER A 149 15.00 7.73 5.79
C SER A 149 13.99 8.77 5.33
N ALA A 150 14.46 10.01 5.19
CA ALA A 150 13.63 11.10 4.69
C ALA A 150 13.01 10.74 3.35
N PRO A 151 11.72 11.06 3.17
CA PRO A 151 10.96 10.65 1.98
C PRO A 151 11.24 11.46 0.72
N VAL A 152 10.73 10.96 -0.40
CA VAL A 152 11.04 11.56 -1.70
C VAL A 152 10.67 13.04 -1.79
N SER A 153 9.61 13.43 -1.10
CA SER A 153 9.15 14.82 -1.18
C SER A 153 10.18 15.81 -0.63
N VAL A 154 11.03 15.37 0.30
CA VAL A 154 12.02 16.28 0.87
C VAL A 154 13.42 16.12 0.26
N VAL A 155 13.71 14.94 -0.28
CA VAL A 155 15.05 14.68 -0.81
C VAL A 155 15.18 15.05 -2.28
N ALA A 156 14.23 14.61 -3.08
CA ALA A 156 14.33 14.72 -4.55
C ALA A 156 14.43 16.14 -5.14
N PRO A 157 13.65 17.11 -4.63
CA PRO A 157 13.69 18.42 -5.30
C PRO A 157 15.07 19.09 -5.32
N ASN A 158 15.90 18.81 -4.32
CA ASN A 158 17.23 19.42 -4.30
C ASN A 158 18.09 19.08 -5.50
N SER A 159 17.91 17.89 -6.06
CA SER A 159 18.72 17.53 -7.22
C SER A 159 18.29 18.32 -8.47
N VAL A 160 17.01 18.65 -8.58
CA VAL A 160 16.56 19.48 -9.70
C VAL A 160 17.14 20.89 -9.58
N LYS A 161 17.14 21.42 -8.36
CA LYS A 161 17.70 22.74 -8.11
C LYS A 161 19.20 22.76 -8.40
N ALA A 162 19.88 21.67 -8.04
CA ALA A 162 21.32 21.57 -8.30
C ALA A 162 21.58 21.58 -9.81
N ALA A 163 20.75 20.85 -10.56
CA ALA A 163 20.92 20.78 -12.00
C ALA A 163 20.79 22.15 -12.63
N LEU A 164 19.79 22.89 -12.17
CA LEU A 164 19.55 24.23 -12.68
C LEU A 164 20.69 25.18 -12.30
N LYS A 165 21.34 24.92 -11.17
CA LYS A 165 22.50 25.74 -10.80
C LYS A 165 23.67 25.49 -11.74
N GLN A 166 23.89 24.23 -12.10
CA GLN A 166 24.97 23.89 -13.02
C GLN A 166 24.67 24.31 -14.47
N ASN A 167 23.40 24.29 -14.84
CA ASN A 167 22.99 24.79 -16.16
C ASN A 167 21.69 25.57 -16.07
N PRO A 168 21.81 26.89 -15.89
CA PRO A 168 20.64 27.76 -15.71
C PRO A 168 19.78 27.85 -16.96
N ASN A 169 20.27 27.32 -18.09
CA ASN A 169 19.56 27.40 -19.35
C ASN A 169 18.70 26.16 -19.66
N ILE A 170 18.65 25.22 -18.72
CA ILE A 170 17.77 24.05 -18.86
C ILE A 170 16.32 24.50 -19.04
N LYS A 171 15.65 24.01 -20.09
CA LYS A 171 14.26 24.34 -20.32
C LYS A 171 13.38 23.10 -20.47
N LYS A 172 13.86 22.12 -21.22
CA LYS A 172 13.07 20.92 -21.52
C LYS A 172 13.54 19.74 -20.69
N VAL A 173 12.58 19.04 -20.07
CA VAL A 173 12.92 17.93 -19.20
C VAL A 173 12.20 16.66 -19.63
N ALA A 174 12.94 15.57 -19.74
CA ALA A 174 12.36 14.26 -19.99
C ALA A 174 12.49 13.43 -18.72
N VAL A 175 11.39 12.81 -18.33
CA VAL A 175 11.33 12.04 -17.11
C VAL A 175 11.07 10.56 -17.43
N PHE A 176 11.81 9.67 -16.75
CA PHE A 176 11.65 8.22 -16.87
C PHE A 176 11.36 7.64 -15.49
N PHE A 177 10.51 6.62 -15.43
CA PHE A 177 10.29 5.94 -14.16
C PHE A 177 9.89 4.48 -14.32
N ALA A 178 10.27 3.68 -13.33
CA ALA A 178 9.91 2.28 -13.24
C ALA A 178 8.49 2.13 -12.72
N GLN A 179 7.57 1.80 -13.61
CA GLN A 179 6.17 1.81 -13.24
C GLN A 179 5.76 0.63 -12.36
N ASN A 180 6.63 -0.36 -12.22
CA ASN A 180 6.32 -1.54 -11.39
C ASN A 180 6.80 -1.39 -9.95
N ASP A 181 7.48 -0.29 -9.64
CA ASP A 181 8.09 -0.09 -8.33
C ASP A 181 7.45 1.06 -7.55
N ALA A 182 7.00 0.78 -6.32
CA ALA A 182 6.23 1.73 -5.54
C ALA A 182 7.00 3.02 -5.25
N PHE A 183 8.25 2.88 -4.87
CA PHE A 183 9.07 4.05 -4.61
C PHE A 183 9.30 4.88 -5.88
N SER A 184 9.56 4.22 -7.01
CA SER A 184 9.82 4.93 -8.25
C SER A 184 8.60 5.77 -8.67
N LYS A 185 7.41 5.22 -8.46
CA LYS A 185 6.18 5.92 -8.80
C LYS A 185 5.99 7.12 -7.88
N SER A 186 6.33 6.95 -6.61
CA SER A 186 6.22 8.04 -5.65
C SER A 186 7.25 9.13 -5.97
N GLU A 187 8.49 8.72 -6.23
CA GLU A 187 9.56 9.66 -6.53
C GLU A 187 9.31 10.44 -7.82
N THR A 188 8.84 9.76 -8.86
CA THR A 188 8.62 10.45 -10.12
C THR A 188 7.52 11.53 -10.01
N GLU A 189 6.53 11.32 -9.15
CA GLU A 189 5.50 12.34 -8.97
C GLU A 189 6.12 13.59 -8.38
N ILE A 190 7.00 13.43 -7.40
CA ILE A 190 7.73 14.57 -6.83
C ILE A 190 8.60 15.25 -7.89
N PHE A 191 9.38 14.46 -8.63
CA PHE A 191 10.21 15.02 -9.69
C PHE A 191 9.36 15.81 -10.70
N GLN A 192 8.24 15.23 -11.14
CA GLN A 192 7.41 15.90 -12.13
C GLN A 192 6.82 17.21 -11.61
N GLN A 193 6.40 17.23 -10.35
CA GLN A 193 5.85 18.46 -9.78
C GLN A 193 6.94 19.51 -9.62
N THR A 194 8.15 19.06 -9.28
CA THR A 194 9.26 19.99 -9.12
C THR A 194 9.64 20.63 -10.45
N VAL A 195 9.62 19.82 -11.50
CA VAL A 195 9.90 20.32 -12.84
C VAL A 195 8.90 21.41 -13.21
N LYS A 196 7.62 21.16 -12.93
CA LYS A 196 6.56 22.12 -13.20
C LYS A 196 6.73 23.39 -12.36
N ASP A 197 7.03 23.22 -11.08
CA ASP A 197 7.17 24.36 -10.19
C ASP A 197 8.38 25.21 -10.51
N GLN A 198 9.41 24.62 -11.09
CA GLN A 198 10.59 25.37 -11.49
C GLN A 198 10.39 26.05 -12.84
N GLY A 199 9.18 25.91 -13.41
CA GLY A 199 8.83 26.61 -14.63
C GLY A 199 9.40 25.97 -15.89
N LEU A 200 9.75 24.69 -15.80
CA LEU A 200 10.36 23.98 -16.92
C LEU A 200 9.30 23.24 -17.73
N GLU A 201 9.67 22.85 -18.95
CA GLU A 201 8.74 22.14 -19.81
C GLU A 201 8.97 20.64 -19.69
N LEU A 202 7.93 19.93 -19.24
CA LEU A 202 7.99 18.49 -19.20
C LEU A 202 7.63 17.94 -20.58
N VAL A 203 8.65 17.58 -21.36
CA VAL A 203 8.42 17.18 -22.74
C VAL A 203 7.92 15.74 -22.89
N THR A 204 8.24 14.89 -21.92
CA THR A 204 7.79 13.51 -21.96
C THR A 204 7.97 12.82 -20.62
N VAL A 205 7.10 11.86 -20.37
CA VAL A 205 7.26 10.93 -19.26
C VAL A 205 7.26 9.51 -19.86
N GLN A 206 8.36 8.83 -19.70
CA GLN A 206 8.54 7.48 -20.25
C GLN A 206 8.53 6.45 -19.13
N LYS A 207 7.91 5.31 -19.39
CA LYS A 207 7.83 4.24 -18.39
C LYS A 207 8.72 3.08 -18.75
N PHE A 208 9.22 2.37 -17.73
CA PHE A 208 9.95 1.12 -17.93
C PHE A 208 9.69 0.21 -16.74
N GLN A 209 10.23 -1.01 -16.78
CA GLN A 209 10.17 -1.94 -15.66
C GLN A 209 11.55 -2.09 -15.06
N THR A 210 11.63 -2.30 -13.73
CA THR A 210 12.93 -2.46 -13.07
C THR A 210 13.70 -3.66 -13.61
N THR A 211 12.97 -4.62 -14.19
CA THR A 211 13.58 -5.81 -14.74
C THR A 211 14.04 -5.63 -16.19
N ASP A 212 13.72 -4.49 -16.79
CA ASP A 212 14.18 -4.20 -18.16
C ASP A 212 15.69 -3.96 -18.17
N THR A 213 16.33 -4.40 -19.25
CA THR A 213 17.74 -4.10 -19.49
C THR A 213 17.89 -3.20 -20.71
N ASP A 214 16.88 -3.22 -21.57
CA ASP A 214 16.92 -2.47 -22.82
C ASP A 214 15.94 -1.32 -22.82
N PHE A 215 16.39 -0.14 -23.20
CA PHE A 215 15.54 1.04 -23.16
C PHE A 215 15.62 1.84 -24.44
N GLN A 216 15.96 1.18 -25.55
CA GLN A 216 16.21 1.93 -26.77
CA GLN A 216 16.19 1.89 -26.82
C GLN A 216 15.00 2.75 -27.20
N SER A 217 13.80 2.17 -27.16
CA SER A 217 12.62 2.91 -27.61
C SER A 217 12.32 4.14 -26.76
N GLN A 218 12.31 3.98 -25.44
CA GLN A 218 12.04 5.10 -24.55
C GLN A 218 13.13 6.17 -24.62
N ALA A 219 14.39 5.73 -24.70
CA ALA A 219 15.50 6.66 -24.74
C ALA A 219 15.47 7.48 -26.02
N THR A 220 15.23 6.81 -27.14
CA THR A 220 15.11 7.48 -28.42
C THR A 220 13.91 8.43 -28.46
N ASN A 221 12.78 7.98 -27.92
CA ASN A 221 11.60 8.85 -27.85
C ASN A 221 11.92 10.16 -27.12
N ALA A 222 12.66 10.06 -26.02
CA ALA A 222 13.02 11.23 -25.25
C ALA A 222 14.03 12.10 -25.99
N ILE A 223 15.06 11.46 -26.54
CA ILE A 223 16.13 12.17 -27.22
C ILE A 223 15.61 12.96 -28.40
N ASN A 224 14.61 12.42 -29.09
CA ASN A 224 14.03 13.11 -30.24
C ASN A 224 13.33 14.41 -29.87
N LEU A 225 13.05 14.57 -28.57
CA LEU A 225 12.39 15.78 -28.06
C LEU A 225 13.37 16.83 -27.56
N LYS A 226 14.66 16.55 -27.70
CA LYS A 226 15.73 17.48 -27.34
C LYS A 226 15.67 18.01 -25.90
N PRO A 227 15.62 17.11 -24.91
CA PRO A 227 15.62 17.60 -23.53
C PRO A 227 16.98 18.14 -23.14
N ASP A 228 16.97 19.09 -22.19
CA ASP A 228 18.20 19.60 -21.60
C ASP A 228 18.52 18.85 -20.32
N LEU A 229 17.52 18.19 -19.77
CA LEU A 229 17.67 17.45 -18.51
C LEU A 229 16.86 16.16 -18.61
N VAL A 230 17.44 15.08 -18.12
CA VAL A 230 16.74 13.80 -18.00
C VAL A 230 16.73 13.40 -16.54
N ILE A 231 15.57 13.01 -16.05
CA ILE A 231 15.43 12.52 -14.68
C ILE A 231 14.98 11.06 -14.71
N ILE A 232 15.68 10.21 -13.95
CA ILE A 232 15.37 8.77 -13.92
C ILE A 232 15.04 8.29 -12.51
N SER A 233 13.84 7.72 -12.35
CA SER A 233 13.46 7.07 -11.10
C SER A 233 13.34 5.58 -11.33
N GLY A 234 14.39 4.84 -10.99
CA GLY A 234 14.36 3.39 -11.05
C GLY A 234 15.22 2.85 -9.95
N LEU A 235 15.59 1.57 -10.05
CA LEU A 235 16.57 1.00 -9.14
C LEU A 235 17.95 0.95 -9.81
N ALA A 236 18.87 0.16 -9.26
CA ALA A 236 20.28 0.30 -9.61
C ALA A 236 20.66 -0.25 -10.99
N ALA A 237 20.36 -1.52 -11.23
CA ALA A 237 20.74 -2.15 -12.49
C ALA A 237 20.01 -1.50 -13.65
N ASP A 238 18.71 -1.30 -13.48
CA ASP A 238 17.91 -0.68 -14.53
C ASP A 238 18.33 0.78 -14.76
N GLY A 239 18.48 1.54 -13.68
CA GLY A 239 18.87 2.93 -13.78
C GLY A 239 20.21 3.10 -14.48
N GLY A 240 21.18 2.28 -14.09
CA GLY A 240 22.49 2.31 -14.70
C GLY A 240 22.47 1.96 -16.17
N ASN A 241 21.67 0.96 -16.53
CA ASN A 241 21.57 0.56 -17.93
C ASN A 241 20.95 1.68 -18.76
N LEU A 242 19.95 2.34 -18.20
CA LEU A 242 19.27 3.42 -18.92
C LEU A 242 20.20 4.63 -19.11
N VAL A 243 20.96 4.99 -18.08
CA VAL A 243 21.94 6.06 -18.19
C VAL A 243 22.94 5.77 -19.30
N ARG A 244 23.47 4.55 -19.31
CA ARG A 244 24.46 4.18 -20.31
C ARG A 244 23.86 4.29 -21.71
N GLN A 245 22.64 3.77 -21.89
CA GLN A 245 22.03 3.75 -23.21
C GLN A 245 21.67 5.15 -23.71
N LEU A 246 21.23 6.02 -22.81
CA LEU A 246 20.98 7.40 -23.16
C LEU A 246 22.24 8.03 -23.74
N ARG A 247 23.37 7.78 -23.09
CA ARG A 247 24.64 8.35 -23.56
C ARG A 247 25.06 7.70 -24.88
N GLU A 248 24.93 6.38 -24.98
CA GLU A 248 25.25 5.68 -26.22
C GLU A 248 24.47 6.25 -27.40
N LEU A 249 23.22 6.60 -27.15
CA LEU A 249 22.34 7.12 -28.20
C LEU A 249 22.55 8.61 -28.49
N GLY A 250 23.53 9.22 -27.81
CA GLY A 250 23.94 10.57 -28.17
C GLY A 250 23.44 11.69 -27.28
N TYR A 251 22.68 11.35 -26.24
CA TYR A 251 22.21 12.37 -25.32
C TYR A 251 23.37 13.02 -24.56
N GLN A 252 23.48 14.34 -24.63
CA GLN A 252 24.59 15.06 -24.03
C GLN A 252 24.19 16.02 -22.92
N GLY A 253 22.92 15.99 -22.52
CA GLY A 253 22.45 16.92 -21.51
C GLY A 253 22.65 16.42 -20.09
N ALA A 254 22.07 17.12 -19.12
CA ALA A 254 22.18 16.76 -17.72
C ALA A 254 21.35 15.52 -17.39
N ILE A 255 21.76 14.78 -16.37
CA ILE A 255 21.01 13.64 -15.87
C ILE A 255 20.93 13.67 -14.36
N ILE A 256 19.71 13.52 -13.84
CA ILE A 256 19.49 13.30 -12.42
C ILE A 256 19.05 11.86 -12.24
N GLY A 257 19.66 11.18 -11.27
CA GLY A 257 19.19 9.87 -10.85
C GLY A 257 18.52 9.97 -9.50
N GLY A 258 17.45 9.19 -9.32
CA GLY A 258 16.78 9.12 -8.04
C GLY A 258 17.49 8.22 -7.06
N ASP A 259 16.86 7.99 -5.91
CA ASP A 259 17.50 7.29 -4.81
C ASP A 259 17.86 5.85 -5.16
N GLY A 260 17.16 5.28 -6.14
CA GLY A 260 17.44 3.92 -6.56
C GLY A 260 18.72 3.75 -7.33
N LEU A 261 19.29 4.85 -7.78
CA LEU A 261 20.58 4.80 -8.48
C LEU A 261 21.70 5.23 -7.53
N ASN A 262 21.37 5.44 -6.26
CA ASN A 262 22.31 6.00 -5.30
C ASN A 262 23.24 4.95 -4.70
N THR A 263 24.03 4.31 -5.56
CA THR A 263 25.02 3.35 -5.10
C THR A 263 26.14 3.26 -6.12
N SER A 264 27.37 3.08 -5.64
CA SER A 264 28.50 2.86 -6.51
C SER A 264 28.36 1.59 -7.34
N ASN A 265 27.37 0.76 -6.98
CA ASN A 265 27.07 -0.42 -7.79
C ASN A 265 26.55 -0.06 -9.19
N VAL A 266 26.13 1.19 -9.39
CA VAL A 266 25.80 1.60 -10.76
C VAL A 266 27.04 1.82 -11.61
N PHE A 267 28.20 2.04 -10.99
CA PHE A 267 29.41 2.37 -11.73
C PHE A 267 29.79 1.27 -12.72
N ALA A 268 29.60 0.02 -12.32
CA ALA A 268 29.95 -1.11 -13.18
C ALA A 268 29.04 -1.17 -14.39
N VAL A 269 27.85 -0.60 -14.26
CA VAL A 269 26.85 -0.70 -15.32
C VAL A 269 27.01 0.37 -16.38
N CYS A 270 27.08 1.63 -15.97
CA CYS A 270 27.24 2.69 -16.96
C CYS A 270 28.69 3.08 -17.19
N LYS A 271 29.58 2.57 -16.34
CA LYS A 271 31.03 2.82 -16.47
C LYS A 271 31.35 4.30 -16.67
N ALA A 272 32.18 4.64 -17.65
CA ALA A 272 32.55 6.04 -17.86
C ALA A 272 31.31 6.90 -18.13
N LEU A 273 30.26 6.29 -18.65
CA LEU A 273 29.06 7.03 -19.02
C LEU A 273 28.15 7.35 -17.83
N CYS A 274 28.54 6.96 -16.61
CA CYS A 274 27.86 7.40 -15.40
C CYS A 274 28.23 8.83 -15.05
N ASP A 275 29.29 9.33 -15.68
CA ASP A 275 29.87 10.61 -15.26
C ASP A 275 28.88 11.77 -15.34
N GLY A 276 28.79 12.54 -14.27
CA GLY A 276 27.96 13.73 -14.28
C GLY A 276 26.56 13.57 -13.70
N VAL A 277 26.15 12.33 -13.43
CA VAL A 277 24.81 12.09 -12.90
C VAL A 277 24.68 12.71 -11.51
N LEU A 278 23.62 13.50 -11.32
CA LEU A 278 23.33 14.14 -10.03
C LEU A 278 22.38 13.31 -9.22
N ILE A 279 22.74 13.03 -7.98
CA ILE A 279 21.89 12.25 -7.09
C ILE A 279 21.79 12.90 -5.73
N ALA A 280 20.58 13.24 -5.31
CA ALA A 280 20.39 13.86 -3.99
C ALA A 280 20.78 12.88 -2.88
N GLN A 281 21.14 13.43 -1.72
CA GLN A 281 21.66 12.64 -0.61
C GLN A 281 21.02 13.07 0.70
N ALA A 282 20.74 12.10 1.57
CA ALA A 282 20.19 12.38 2.88
C ALA A 282 21.25 12.10 3.95
N TYR A 283 22.50 12.13 3.52
CA TYR A 283 23.64 11.87 4.38
C TYR A 283 24.88 12.53 3.77
N SER A 284 25.74 13.08 4.62
CA SER A 284 27.04 13.58 4.18
C SER A 284 28.12 13.10 5.13
N PRO A 285 29.15 12.45 4.58
CA PRO A 285 30.29 12.00 5.39
C PRO A 285 30.94 13.13 6.15
N GLU A 286 30.85 14.35 5.60
CA GLU A 286 31.54 15.50 6.19
C GLU A 286 30.78 16.14 7.35
N TYR A 287 29.61 15.58 7.68
CA TYR A 287 28.86 16.03 8.85
C TYR A 287 29.66 15.76 10.13
N THR A 288 29.73 16.74 11.01
CA THR A 288 30.69 16.73 12.12
C THR A 288 30.20 16.17 13.46
N GLY A 289 29.04 15.53 13.48
CA GLY A 289 28.58 14.86 14.69
C GLY A 289 29.61 13.82 15.09
N GLU A 290 29.81 13.64 16.39
CA GLU A 290 30.85 12.76 16.87
C GLU A 290 30.69 11.33 16.36
N ILE A 291 29.46 10.83 16.35
CA ILE A 291 29.21 9.46 15.94
C ILE A 291 29.43 9.26 14.45
N ASN A 292 29.18 10.31 13.66
CA ASN A 292 29.45 10.21 12.24
C ASN A 292 30.95 10.14 11.99
N LYS A 293 31.71 10.90 12.79
CA LYS A 293 33.16 10.87 12.68
C LYS A 293 33.64 9.44 12.93
N ALA A 294 33.14 8.83 13.98
CA ALA A 294 33.50 7.45 14.33
C ALA A 294 32.99 6.46 13.29
N PHE A 295 31.75 6.63 12.86
CA PHE A 295 31.19 5.79 11.79
C PHE A 295 31.99 5.94 10.51
N ARG A 296 32.25 7.19 10.11
CA ARG A 296 32.99 7.46 8.89
C ARG A 296 34.37 6.82 8.94
N GLN A 297 35.07 7.04 10.04
CA GLN A 297 36.42 6.50 10.17
C GLN A 297 36.40 4.98 10.11
N ALA A 298 35.43 4.36 10.78
CA ALA A 298 35.29 2.91 10.76
C ALA A 298 35.02 2.43 9.34
N TYR A 299 34.13 3.13 8.64
CA TYR A 299 33.83 2.77 7.26
C TYR A 299 35.04 2.96 6.35
N VAL A 300 35.62 4.15 6.39
CA VAL A 300 36.73 4.51 5.49
C VAL A 300 37.91 3.57 5.66
N ASP A 301 38.21 3.22 6.91
CA ASP A 301 39.34 2.35 7.20
C ASP A 301 39.12 0.96 6.58
N GLN A 302 37.88 0.50 6.57
CA GLN A 302 37.58 -0.82 6.02
C GLN A 302 37.38 -0.83 4.50
N TYR A 303 36.58 0.09 3.99
CA TYR A 303 36.17 0.02 2.59
C TYR A 303 36.93 0.96 1.66
N LYS A 304 37.83 1.76 2.22
CA LYS A 304 38.72 2.63 1.43
C LYS A 304 37.98 3.68 0.60
N LYS A 305 36.78 4.03 1.05
CA LYS A 305 36.00 5.06 0.40
C LYS A 305 35.03 5.67 1.41
N GLU A 306 34.43 6.80 1.07
CA GLU A 306 33.48 7.45 1.97
C GLU A 306 32.23 6.60 2.17
N PRO A 307 31.68 6.62 3.40
CA PRO A 307 30.43 5.88 3.63
C PRO A 307 29.31 6.41 2.75
N PRO A 308 28.62 5.50 2.05
CA PRO A 308 27.47 5.91 1.26
C PRO A 308 26.21 6.02 2.12
N GLN A 309 25.25 6.76 1.60
CA GLN A 309 24.01 7.03 2.30
C GLN A 309 23.33 5.79 2.87
N PHE A 310 23.22 4.72 2.08
CA PHE A 310 22.50 3.53 2.54
C PHE A 310 23.16 2.86 3.73
N SER A 311 24.49 2.92 3.80
CA SER A 311 25.23 2.40 4.94
C SER A 311 24.96 3.22 6.21
N ALA A 312 24.98 4.54 6.06
CA ALA A 312 24.71 5.43 7.18
C ALA A 312 23.30 5.28 7.70
N GLN A 313 22.35 5.12 6.78
CA GLN A 313 20.95 4.99 7.16
C GLN A 313 20.68 3.69 7.90
N ALA A 314 21.32 2.60 7.46
CA ALA A 314 21.20 1.33 8.16
C ALA A 314 21.84 1.39 9.55
N PHE A 315 23.01 2.04 9.66
CA PHE A 315 23.62 2.27 10.96
C PHE A 315 22.66 3.01 11.86
N ALA A 316 22.05 4.07 11.34
CA ALA A 316 21.15 4.90 12.14
C ALA A 316 19.93 4.11 12.63
N ALA A 317 19.43 3.19 11.80
CA ALA A 317 18.31 2.36 12.23
C ALA A 317 18.68 1.45 13.40
N VAL A 318 19.87 0.84 13.35
CA VAL A 318 20.33 0.02 14.46
C VAL A 318 20.55 0.88 15.71
N GLN A 319 21.13 2.06 15.50
CA GLN A 319 21.33 3.02 16.59
C GLN A 319 20.03 3.35 17.31
N VAL A 320 18.97 3.59 16.55
CA VAL A 320 17.67 3.89 17.16
C VAL A 320 17.25 2.76 18.10
N TYR A 321 17.39 1.51 17.65
CA TYR A 321 17.07 0.37 18.50
C TYR A 321 17.97 0.27 19.74
N VAL A 322 19.28 0.43 19.58
CA VAL A 322 20.19 0.31 20.72
C VAL A 322 19.90 1.38 21.77
N GLU A 323 19.77 2.63 21.35
CA GLU A 323 19.57 3.71 22.31
C GLU A 323 18.19 3.66 22.93
N SER A 324 17.19 3.18 22.18
CA SER A 324 15.87 3.00 22.74
C SER A 324 15.85 1.85 23.74
N LEU A 325 16.52 0.77 23.42
CA LEU A 325 16.64 -0.35 24.36
C LEU A 325 17.33 0.08 25.64
N LYS A 326 18.35 0.92 25.53
CA LYS A 326 19.05 1.42 26.71
C LYS A 326 18.13 2.28 27.57
N ALA A 327 17.39 3.18 26.94
CA ALA A 327 16.47 4.05 27.65
C ALA A 327 15.35 3.25 28.32
N LEU A 328 14.79 2.29 27.59
CA LEU A 328 13.76 1.41 28.15
C LEU A 328 14.31 0.61 29.32
N ASP A 329 15.47 0.00 29.13
CA ASP A 329 16.07 -0.89 30.13
C ASP A 329 16.35 -0.14 31.42
N THR A 330 16.77 1.12 31.30
CA THR A 330 17.00 1.98 32.46
C THR A 330 15.72 2.20 33.29
N LYS A 331 14.59 2.34 32.61
CA LYS A 331 13.30 2.58 33.28
C LYS A 331 12.58 1.29 33.68
N ASN A 332 12.86 0.22 32.95
CA ASN A 332 12.09 -1.02 33.07
C ASN A 332 12.97 -2.13 32.52
N LYS A 333 13.66 -2.83 33.43
CA LYS A 333 14.71 -3.78 33.07
C LYS A 333 14.22 -4.79 32.04
N VAL A 334 14.81 -4.78 30.84
CA VAL A 334 14.24 -5.56 29.74
C VAL A 334 14.38 -7.08 29.90
N SER A 335 15.36 -7.52 30.68
CA SER A 335 15.55 -8.96 30.89
C SER A 335 14.33 -9.59 31.57
N LYS A 336 13.54 -8.76 32.24
CA LYS A 336 12.36 -9.25 32.95
C LYS A 336 11.04 -9.02 32.22
N ILE A 337 11.09 -8.34 31.07
CA ILE A 337 9.86 -8.07 30.31
C ILE A 337 9.63 -9.19 29.32
N GLN A 338 8.42 -9.75 29.30
CA GLN A 338 8.12 -10.78 28.32
C GLN A 338 8.10 -10.19 26.92
N LEU A 339 8.35 -11.03 25.92
CA LEU A 339 8.60 -10.54 24.57
C LEU A 339 7.49 -9.66 23.97
N PRO A 340 6.21 -10.06 24.11
CA PRO A 340 5.20 -9.20 23.49
C PRO A 340 5.19 -7.78 24.10
N GLU A 341 5.31 -7.69 25.41
CA GLU A 341 5.34 -6.38 26.05
C GLU A 341 6.64 -5.64 25.73
N LEU A 342 7.74 -6.37 25.63
CA LEU A 342 9.03 -5.77 25.30
C LEU A 342 8.95 -5.08 23.94
N ARG A 343 8.37 -5.77 22.96
CA ARG A 343 8.19 -5.21 21.62
C ARG A 343 7.35 -3.94 21.65
N THR A 344 6.24 -3.99 22.38
CA THR A 344 5.35 -2.85 22.47
C THR A 344 6.00 -1.65 23.17
N GLU A 345 6.71 -1.92 24.26
CA GLU A 345 7.39 -0.84 25.00
C GLU A 345 8.58 -0.28 24.24
N LEU A 346 9.27 -1.14 23.49
CA LEU A 346 10.38 -0.69 22.66
C LEU A 346 9.87 0.22 21.55
N ASN A 347 8.77 -0.18 20.91
CA ASN A 347 8.17 0.65 19.88
C ASN A 347 7.75 2.01 20.46
N LYS A 348 7.10 1.98 21.62
CA LYS A 348 6.67 3.21 22.25
C LYS A 348 7.87 4.10 22.57
N GLN A 349 8.91 3.49 23.14
CA GLN A 349 10.13 4.21 23.48
C GLN A 349 10.82 4.84 22.27
N LEU A 350 11.01 4.07 21.20
CA LEU A 350 11.82 4.58 20.10
C LEU A 350 11.18 5.80 19.46
N LEU A 351 9.85 5.83 19.46
CA LEU A 351 9.14 6.95 18.87
C LEU A 351 9.38 8.26 19.60
N THR A 352 9.76 8.19 20.88
CA THR A 352 9.96 9.39 21.69
C THR A 352 11.40 9.88 21.69
N GLY A 353 12.31 9.10 21.12
CA GLY A 353 13.73 9.40 21.27
C GLY A 353 14.26 10.47 20.35
N LYS A 354 15.34 11.10 20.79
CA LYS A 354 16.13 12.01 19.97
C LYS A 354 17.49 11.34 19.79
N TYR A 355 18.00 11.32 18.57
CA TYR A 355 19.20 10.54 18.25
C TYR A 355 20.21 11.36 17.47
N ASN A 356 21.44 11.38 17.95
CA ASN A 356 22.55 12.02 17.25
C ASN A 356 23.21 10.97 16.40
N THR A 357 22.82 10.90 15.13
CA THR A 357 23.21 9.80 14.25
C THR A 357 24.15 10.27 13.14
N PRO A 358 24.64 9.33 12.30
CA PRO A 358 25.44 9.83 11.19
C PRO A 358 24.64 10.73 10.25
N LEU A 359 23.32 10.56 10.25
CA LEU A 359 22.43 11.37 9.42
C LEU A 359 22.19 12.76 10.00
N GLY A 360 22.78 13.03 11.16
CA GLY A 360 22.51 14.25 11.89
C GLY A 360 21.58 13.99 13.06
N GLU A 361 21.14 15.04 13.74
CA GLU A 361 20.19 14.90 14.82
C GLU A 361 18.81 14.59 14.25
N ILE A 362 18.27 13.44 14.62
CA ILE A 362 16.96 13.05 14.12
C ILE A 362 16.02 12.66 15.25
N SER A 363 14.74 12.66 14.94
CA SER A 363 13.71 12.19 15.86
C SER A 363 12.54 11.74 15.01
N PHE A 364 11.43 11.40 15.65
CA PHE A 364 10.25 10.93 14.93
C PHE A 364 9.02 11.79 15.22
N THR A 365 8.14 11.88 14.23
CA THR A 365 6.81 12.43 14.45
C THR A 365 5.97 11.36 15.16
N PRO A 366 4.79 11.73 15.67
CA PRO A 366 3.98 10.73 16.37
C PRO A 366 3.63 9.49 15.52
N ILE A 367 3.69 9.57 14.20
CA ILE A 367 3.40 8.40 13.36
C ILE A 367 4.63 7.71 12.77
N GLY A 368 5.81 8.09 13.25
CA GLY A 368 7.03 7.38 12.88
C GLY A 368 7.74 7.94 11.66
N GLU A 369 7.34 9.13 11.22
CA GLU A 369 8.08 9.81 10.16
C GLU A 369 9.35 10.41 10.74
N VAL A 370 10.41 10.40 9.95
CA VAL A 370 11.67 10.96 10.45
C VAL A 370 11.63 12.48 10.42
N VAL A 371 12.28 13.08 11.41
CA VAL A 371 12.50 14.52 11.45
C VAL A 371 13.99 14.73 11.20
N GLN A 372 14.34 15.30 10.05
CA GLN A 372 15.74 15.47 9.66
C GLN A 372 15.89 16.80 8.93
N LYS A 373 16.94 17.54 9.25
CA LYS A 373 17.09 18.91 8.78
C LYS A 373 17.89 19.04 7.49
N ASP A 374 18.99 18.30 7.37
CA ASP A 374 19.97 18.59 6.33
C ASP A 374 20.02 17.60 5.17
N PHE A 375 20.04 18.16 3.96
CA PHE A 375 20.10 17.36 2.75
C PHE A 375 21.14 17.91 1.80
N TYR A 376 21.56 17.07 0.85
CA TYR A 376 22.68 17.41 0.00
C TYR A 376 22.44 16.89 -1.40
N VAL A 377 23.35 17.23 -2.31
CA VAL A 377 23.36 16.63 -3.63
C VAL A 377 24.79 16.24 -3.95
N ALA A 378 24.97 15.05 -4.52
CA ALA A 378 26.28 14.62 -4.97
C ALA A 378 26.26 14.38 -6.47
N GLN A 379 27.43 14.32 -7.08
CA GLN A 379 27.54 14.14 -8.52
C GLN A 379 28.53 13.03 -8.77
N ILE A 380 28.17 12.08 -9.62
CA ILE A 380 29.08 10.98 -9.95
C ILE A 380 30.24 11.52 -10.77
N LYS A 381 31.46 11.21 -10.33
CA LYS A 381 32.66 11.59 -11.07
C LYS A 381 33.41 10.32 -11.42
N GLU A 383 36.38 8.09 -13.44
CA GLU A 383 37.67 8.17 -14.10
C GLU A 383 37.43 7.94 -15.58
N LYS A 384 38.24 8.57 -16.43
CA LYS A 384 38.06 8.48 -17.89
C LYS A 384 38.05 7.03 -18.38
N ASP A 385 38.82 6.17 -17.71
CA ASP A 385 38.87 4.76 -18.06
C ASP A 385 37.55 4.05 -17.73
N GLY A 386 36.82 4.57 -16.75
CA GLY A 386 35.51 4.06 -16.41
C GLY A 386 35.49 2.95 -15.38
N SER A 387 36.67 2.52 -14.94
CA SER A 387 36.76 1.41 -14.01
C SER A 387 36.49 1.83 -12.57
N GLN A 388 36.61 3.13 -12.31
CA GLN A 388 36.49 3.65 -10.95
C GLN A 388 35.77 4.98 -10.95
N GLY A 389 35.11 5.29 -9.83
CA GLY A 389 34.45 6.58 -9.68
C GLY A 389 34.23 6.93 -8.23
N LYS A 390 33.58 8.07 -8.00
CA LYS A 390 33.21 8.48 -6.65
C LYS A 390 32.00 9.40 -6.71
N PHE A 391 31.39 9.62 -5.55
CA PHE A 391 30.36 10.64 -5.42
C PHE A 391 30.98 11.91 -4.88
N THR A 392 30.90 12.98 -5.66
CA THR A 392 31.45 14.25 -5.25
C THR A 392 30.33 15.13 -4.73
N PHE A 393 30.42 15.53 -3.47
CA PHE A 393 29.36 16.34 -2.89
C PHE A 393 29.47 17.79 -3.35
N LEU A 394 28.34 18.33 -3.77
CA LEU A 394 28.28 19.73 -4.17
C LEU A 394 28.27 20.59 -2.92
N LYS A 395 29.03 21.68 -2.97
CA LYS A 395 29.01 22.66 -1.89
C LYS A 395 27.85 23.60 -2.15
N ASN B 32 -13.23 -32.31 -16.52
CA ASN B 32 -12.42 -31.13 -16.82
C ASN B 32 -13.16 -29.83 -16.55
N THR B 33 -12.60 -28.99 -15.68
CA THR B 33 -13.19 -27.71 -15.33
C THR B 33 -12.13 -26.62 -15.25
N ILE B 34 -12.57 -25.37 -15.26
CA ILE B 34 -11.68 -24.21 -15.13
C ILE B 34 -11.76 -23.66 -13.71
N PRO B 35 -10.64 -23.74 -12.98
CA PRO B 35 -10.62 -23.33 -11.58
C PRO B 35 -10.47 -21.82 -11.39
N ILE B 36 -11.39 -21.23 -10.64
CA ILE B 36 -11.30 -19.82 -10.27
C ILE B 36 -11.26 -19.75 -8.76
N GLY B 37 -10.25 -19.07 -8.22
CA GLY B 37 -10.09 -19.00 -6.77
C GLY B 37 -10.94 -17.90 -6.16
N ILE B 38 -11.54 -18.22 -5.01
CA ILE B 38 -12.31 -17.24 -4.27
C ILE B 38 -11.66 -17.09 -2.91
N ALA B 39 -11.09 -15.91 -2.65
CA ALA B 39 -10.39 -15.65 -1.40
C ALA B 39 -11.11 -14.55 -0.63
N LEU B 40 -11.95 -14.95 0.33
CA LEU B 40 -12.80 -14.01 1.07
C LEU B 40 -12.76 -14.34 2.54
N ALA B 41 -13.19 -13.38 3.37
CA ALA B 41 -13.24 -13.60 4.83
C ALA B 41 -14.44 -14.47 5.21
N GLN B 42 -14.16 -15.74 5.53
CA GLN B 42 -15.22 -16.66 5.93
C GLN B 42 -15.22 -16.88 7.44
N THR B 43 -14.20 -16.34 8.09
CA THR B 43 -14.08 -16.35 9.54
C THR B 43 -13.59 -14.96 9.98
N SER B 44 -13.63 -14.74 11.31
CA SER B 44 -13.34 -13.46 11.97
C SER B 44 -14.53 -12.51 11.87
N ASN B 45 -14.44 -11.35 12.52
CA ASN B 45 -15.54 -10.39 12.41
C ASN B 45 -15.73 -9.88 10.98
N VAL B 46 -14.71 -10.08 10.14
CA VAL B 46 -14.79 -9.63 8.76
C VAL B 46 -15.75 -10.53 7.99
N ALA B 47 -16.02 -11.72 8.53
CA ALA B 47 -16.95 -12.63 7.89
C ALA B 47 -18.38 -12.08 7.85
N LEU B 48 -18.67 -11.10 8.72
CA LEU B 48 -19.96 -10.42 8.66
C LEU B 48 -20.13 -9.71 7.31
N LEU B 49 -19.00 -9.37 6.70
CA LEU B 49 -18.98 -8.77 5.36
C LEU B 49 -18.76 -9.85 4.29
N GLY B 50 -17.89 -10.81 4.57
CA GLY B 50 -17.53 -11.84 3.61
C GLY B 50 -18.66 -12.81 3.30
N GLN B 51 -19.55 -13.02 4.25
CA GLN B 51 -20.64 -13.97 4.11
C GLN B 51 -21.49 -13.70 2.88
N GLU B 52 -21.85 -12.43 2.67
CA GLU B 52 -22.70 -12.05 1.55
C GLU B 52 -21.96 -12.27 0.24
N GLN B 53 -20.64 -12.10 0.28
CA GLN B 53 -19.80 -12.26 -0.91
C GLN B 53 -19.73 -13.70 -1.36
N VAL B 54 -19.52 -14.60 -0.41
CA VAL B 54 -19.53 -16.04 -0.69
C VAL B 54 -20.87 -16.43 -1.32
N ALA B 55 -21.96 -15.90 -0.77
CA ALA B 55 -23.30 -16.18 -1.29
C ALA B 55 -23.44 -15.75 -2.75
N GLY B 56 -22.98 -14.54 -3.06
CA GLY B 56 -23.06 -14.05 -4.42
C GLY B 56 -22.21 -14.86 -5.38
N ALA B 57 -21.03 -15.28 -4.92
CA ALA B 57 -20.14 -16.09 -5.75
C ALA B 57 -20.76 -17.45 -6.05
N LYS B 58 -21.38 -18.07 -5.05
CA LYS B 58 -22.00 -19.37 -5.24
C LYS B 58 -23.18 -19.29 -6.20
N ILE B 59 -23.93 -18.19 -6.13
CA ILE B 59 -25.05 -18.00 -7.04
C ILE B 59 -24.54 -17.84 -8.47
N ALA B 60 -23.44 -17.09 -8.62
CA ALA B 60 -22.82 -16.93 -9.93
C ALA B 60 -22.35 -18.27 -10.51
N GLU B 61 -21.72 -19.09 -9.68
CA GLU B 61 -21.21 -20.38 -10.16
C GLU B 61 -22.33 -21.22 -10.75
N LYS B 62 -23.43 -21.33 -10.01
CA LYS B 62 -24.54 -22.12 -10.51
C LYS B 62 -25.14 -21.49 -11.75
N TYR B 63 -25.32 -20.16 -11.72
CA TYR B 63 -25.92 -19.48 -12.85
C TYR B 63 -25.11 -19.68 -14.13
N PHE B 64 -23.81 -19.47 -14.05
CA PHE B 64 -23.00 -19.54 -15.26
C PHE B 64 -22.78 -20.97 -15.72
N ASN B 65 -22.69 -21.90 -14.79
CA ASN B 65 -22.55 -23.30 -15.18
C ASN B 65 -23.84 -23.84 -15.77
N ASP B 66 -24.98 -23.35 -15.30
CA ASP B 66 -26.27 -23.73 -15.88
C ASP B 66 -26.40 -23.26 -17.32
N LYS B 67 -25.68 -22.20 -17.67
CA LYS B 67 -25.68 -21.68 -19.04
C LYS B 67 -24.54 -22.31 -19.85
N GLY B 68 -23.89 -23.33 -19.28
CA GLY B 68 -22.88 -24.07 -20.00
C GLY B 68 -21.46 -23.63 -19.72
N GLY B 69 -21.29 -22.82 -18.68
CA GLY B 69 -19.96 -22.41 -18.24
C GLY B 69 -19.21 -21.61 -19.29
N VAL B 70 -17.98 -22.03 -19.57
CA VAL B 70 -17.16 -21.39 -20.57
C VAL B 70 -17.24 -22.17 -21.87
N ASN B 71 -18.16 -21.77 -22.74
CA ASN B 71 -18.39 -22.44 -24.03
C ASN B 71 -18.44 -23.95 -23.90
N GLY B 72 -19.08 -24.44 -22.84
CA GLY B 72 -19.22 -25.87 -22.64
C GLY B 72 -18.45 -26.41 -21.45
N THR B 73 -17.36 -25.74 -21.07
CA THR B 73 -16.54 -26.19 -19.96
C THR B 73 -16.98 -25.51 -18.67
N PRO B 74 -17.37 -26.31 -17.67
CA PRO B 74 -17.81 -25.72 -16.40
C PRO B 74 -16.67 -25.01 -15.68
N ILE B 75 -17.01 -23.99 -14.90
CA ILE B 75 -16.04 -23.43 -13.98
C ILE B 75 -16.19 -24.15 -12.65
N LYS B 76 -15.14 -24.11 -11.85
CA LYS B 76 -15.22 -24.62 -10.49
C LYS B 76 -14.63 -23.55 -9.58
N LEU B 77 -15.44 -23.02 -8.68
CA LEU B 77 -14.95 -22.05 -7.73
C LEU B 77 -14.24 -22.76 -6.59
N ILE B 78 -13.02 -22.33 -6.30
CA ILE B 78 -12.27 -22.91 -5.19
C ILE B 78 -12.13 -21.88 -4.10
N PHE B 79 -12.72 -22.17 -2.95
CA PHE B 79 -12.76 -21.23 -1.84
C PHE B 79 -11.61 -21.45 -0.87
N GLN B 80 -10.90 -20.38 -0.56
CA GLN B 80 -9.90 -20.42 0.49
C GLN B 80 -10.13 -19.22 1.39
N ASP B 81 -10.47 -19.51 2.65
CA ASP B 81 -10.73 -18.49 3.65
C ASP B 81 -9.47 -17.66 3.92
N THR B 82 -9.63 -16.35 3.92
CA THR B 82 -8.52 -15.44 4.20
C THR B 82 -8.43 -15.09 5.68
N ALA B 83 -9.48 -15.45 6.44
CA ALA B 83 -9.68 -14.88 7.76
C ALA B 83 -9.65 -13.35 7.70
N GLY B 84 -9.24 -12.69 8.77
CA GLY B 84 -9.43 -11.25 8.86
C GLY B 84 -8.19 -10.39 8.74
N ASP B 85 -7.04 -11.02 8.49
CA ASP B 85 -5.79 -10.25 8.49
C ASP B 85 -5.01 -10.41 7.19
N GLU B 86 -3.81 -9.83 7.16
CA GLU B 86 -3.01 -9.84 5.93
C GLU B 86 -2.37 -11.19 5.71
N ALA B 87 -1.79 -11.75 6.77
CA ALA B 87 -1.12 -13.04 6.70
C ALA B 87 -2.06 -14.12 6.19
N GLY B 88 -3.31 -14.10 6.65
CA GLY B 88 -4.29 -15.07 6.20
C GLY B 88 -4.61 -14.93 4.73
N THR B 89 -4.60 -13.70 4.24
CA THR B 89 -4.90 -13.43 2.84
C THR B 89 -3.72 -13.83 1.96
N ILE B 90 -2.50 -13.51 2.40
CA ILE B 90 -1.30 -13.95 1.71
C ILE B 90 -1.29 -15.47 1.60
N ASN B 91 -1.57 -16.15 2.70
CA ASN B 91 -1.63 -17.60 2.69
C ASN B 91 -2.70 -18.14 1.74
N ALA B 92 -3.87 -17.50 1.74
CA ALA B 92 -4.95 -17.91 0.84
C ALA B 92 -4.57 -17.76 -0.64
N PHE B 93 -4.00 -16.60 -0.99
CA PHE B 93 -3.57 -16.34 -2.37
C PHE B 93 -2.52 -17.35 -2.80
N GLN B 94 -1.53 -17.58 -1.95
CA GLN B 94 -0.46 -18.51 -2.30
C GLN B 94 -0.99 -19.93 -2.50
N THR B 95 -1.94 -20.35 -1.65
CA THR B 95 -2.53 -21.67 -1.81
C THR B 95 -3.31 -21.78 -3.13
N LEU B 96 -4.14 -20.78 -3.41
CA LEU B 96 -4.92 -20.77 -4.65
C LEU B 96 -4.02 -20.77 -5.88
N ILE B 97 -2.93 -20.01 -5.82
CA ILE B 97 -2.03 -19.86 -6.97
C ILE B 97 -1.18 -21.12 -7.19
N ASN B 98 -0.60 -21.63 -6.12
CA ASN B 98 0.37 -22.71 -6.23
C ASN B 98 -0.22 -24.11 -6.14
N LYS B 99 -1.18 -24.30 -5.23
CA LYS B 99 -1.77 -25.61 -5.02
C LYS B 99 -2.99 -25.82 -5.90
N ASP B 100 -3.91 -24.85 -5.89
CA ASP B 100 -5.15 -25.00 -6.62
C ASP B 100 -5.02 -24.62 -8.10
N LYS B 101 -3.89 -24.01 -8.46
CA LYS B 101 -3.59 -23.61 -9.84
C LYS B 101 -4.72 -22.82 -10.49
N VAL B 102 -5.26 -21.83 -9.78
CA VAL B 102 -6.41 -21.11 -10.31
C VAL B 102 -6.01 -20.20 -11.47
N VAL B 103 -6.95 -19.95 -12.39
CA VAL B 103 -6.65 -19.08 -13.52
C VAL B 103 -6.73 -17.60 -13.12
N GLY B 104 -7.34 -17.34 -11.98
CA GLY B 104 -7.52 -16.00 -11.48
C GLY B 104 -8.17 -16.05 -10.11
N ILE B 105 -8.15 -14.93 -9.40
CA ILE B 105 -8.68 -14.84 -8.04
C ILE B 105 -9.74 -13.75 -7.95
N VAL B 106 -10.84 -14.07 -7.26
CA VAL B 106 -11.78 -13.05 -6.80
C VAL B 106 -11.53 -12.85 -5.32
N GLY B 107 -11.18 -11.63 -4.93
CA GLY B 107 -10.90 -11.31 -3.53
C GLY B 107 -9.89 -10.19 -3.45
N PRO B 108 -9.47 -9.83 -2.23
CA PRO B 108 -9.99 -10.35 -0.97
C PRO B 108 -11.13 -9.46 -0.51
N THR B 109 -11.60 -9.66 0.71
CA THR B 109 -12.73 -8.88 1.21
C THR B 109 -12.35 -7.43 1.49
N LEU B 110 -11.22 -7.23 2.17
CA LEU B 110 -10.85 -5.89 2.64
C LEU B 110 -9.71 -5.29 1.86
N SER B 111 -9.78 -3.98 1.63
CA SER B 111 -8.68 -3.26 1.02
C SER B 111 -7.40 -3.44 1.83
N GLN B 112 -7.52 -3.43 3.17
CA GLN B 112 -6.38 -3.65 4.05
C GLN B 112 -5.63 -4.94 3.65
N GLN B 113 -6.38 -5.97 3.35
CA GLN B 113 -5.81 -7.25 2.94
C GLN B 113 -5.23 -7.17 1.53
N ALA B 114 -5.94 -6.48 0.64
CA ALA B 114 -5.54 -6.35 -0.75
C ALA B 114 -4.16 -5.70 -0.91
N PHE B 115 -3.92 -4.63 -0.15
CA PHE B 115 -2.65 -3.91 -0.27
C PHE B 115 -1.45 -4.79 0.08
N SER B 116 -1.66 -5.76 0.96
CA SER B 116 -0.58 -6.65 1.37
CA SER B 116 -0.59 -6.67 1.36
C SER B 116 -0.47 -7.86 0.44
N ALA B 117 -1.62 -8.46 0.12
CA ALA B 117 -1.63 -9.71 -0.65
C ALA B 117 -1.65 -9.56 -2.15
N ASN B 118 -2.33 -8.54 -2.67
CA ASN B 118 -2.39 -8.39 -4.13
C ASN B 118 -1.02 -8.35 -4.83
N PRO B 119 0.00 -7.71 -4.21
CA PRO B 119 1.31 -7.75 -4.87
C PRO B 119 1.85 -9.16 -5.08
N ILE B 120 1.44 -10.12 -4.26
CA ILE B 120 1.84 -11.51 -4.45
C ILE B 120 1.30 -12.04 -5.79
N ALA B 121 0.02 -11.77 -6.05
CA ALA B 121 -0.56 -12.19 -7.31
C ALA B 121 0.02 -11.40 -8.49
N GLU B 122 0.25 -10.11 -8.28
CA GLU B 122 0.88 -9.29 -9.31
C GLU B 122 2.22 -9.88 -9.75
N ARG B 123 3.06 -10.19 -8.77
CA ARG B 123 4.38 -10.75 -9.00
C ARG B 123 4.29 -12.11 -9.70
N ALA B 124 3.25 -12.87 -9.36
CA ALA B 124 3.03 -14.20 -9.93
C ALA B 124 2.31 -14.16 -11.28
N LYS B 125 1.88 -12.97 -11.69
CA LYS B 125 1.14 -12.79 -12.94
C LYS B 125 -0.15 -13.60 -12.96
N VAL B 126 -0.92 -13.45 -11.88
CA VAL B 126 -2.23 -14.06 -11.73
C VAL B 126 -3.24 -12.94 -11.56
N PRO B 127 -4.29 -12.92 -12.39
CA PRO B 127 -5.26 -11.82 -12.25
C PRO B 127 -6.01 -11.88 -10.91
N VAL B 128 -6.25 -10.70 -10.37
CA VAL B 128 -7.11 -10.54 -9.21
C VAL B 128 -8.21 -9.56 -9.58
N VAL B 129 -9.46 -9.93 -9.33
CA VAL B 129 -10.57 -8.99 -9.45
C VAL B 129 -11.15 -8.77 -8.05
N GLY B 130 -10.97 -7.57 -7.52
CA GLY B 130 -11.51 -7.24 -6.21
C GLY B 130 -13.01 -6.99 -6.24
N PRO B 131 -13.76 -7.69 -5.38
CA PRO B 131 -15.22 -7.59 -5.36
C PRO B 131 -15.74 -6.51 -4.39
N SER B 132 -14.86 -5.96 -3.57
CA SER B 132 -15.31 -5.09 -2.52
C SER B 132 -14.22 -4.19 -1.99
N ASN B 133 -13.16 -3.98 -2.76
CA ASN B 133 -12.06 -3.19 -2.25
C ASN B 133 -12.18 -1.76 -2.76
N THR B 134 -12.58 -0.83 -1.90
CA THR B 134 -12.96 0.50 -2.39
C THR B 134 -12.01 1.64 -1.98
N ALA B 135 -10.92 1.30 -1.30
CA ALA B 135 -9.91 2.31 -0.95
C ALA B 135 -9.22 2.85 -2.18
N LYS B 136 -8.79 4.10 -2.10
CA LYS B 136 -7.96 4.69 -3.14
C LYS B 136 -6.71 3.85 -3.35
N GLY B 137 -6.39 3.59 -4.62
CA GLY B 137 -5.11 2.98 -4.94
C GLY B 137 -5.12 1.50 -5.23
N ILE B 138 -6.26 0.84 -5.12
CA ILE B 138 -6.32 -0.59 -5.37
C ILE B 138 -5.91 -0.97 -6.81
N PRO B 139 -6.54 -0.38 -7.84
CA PRO B 139 -6.12 -0.79 -9.20
C PRO B 139 -4.66 -0.49 -9.49
N GLU B 140 -4.14 0.56 -8.83
CA GLU B 140 -2.76 0.99 -8.98
C GLU B 140 -1.74 -0.01 -8.44
N ILE B 141 -2.21 -1.02 -7.73
CA ILE B 141 -1.32 -2.04 -7.18
C ILE B 141 -0.52 -2.73 -8.29
N GLY B 142 -1.16 -2.91 -9.45
CA GLY B 142 -0.44 -3.48 -10.57
C GLY B 142 -1.31 -3.80 -11.76
N ASP B 143 -0.67 -4.36 -12.80
CA ASP B 143 -1.32 -4.62 -14.08
C ASP B 143 -2.26 -5.82 -14.02
N TYR B 144 -2.20 -6.58 -12.94
CA TYR B 144 -3.03 -7.76 -12.77
C TYR B 144 -4.14 -7.55 -11.75
N VAL B 145 -4.25 -6.32 -11.24
CA VAL B 145 -5.24 -6.02 -10.22
C VAL B 145 -6.33 -5.11 -10.80
N ALA B 146 -7.55 -5.64 -10.84
CA ALA B 146 -8.72 -4.84 -11.21
C ALA B 146 -9.76 -4.96 -10.11
N ARG B 147 -10.81 -4.14 -10.17
CA ARG B 147 -11.89 -4.25 -9.18
C ARG B 147 -13.20 -3.94 -9.85
N VAL B 148 -14.26 -4.58 -9.37
CA VAL B 148 -15.59 -4.24 -9.85
C VAL B 148 -16.33 -3.39 -8.84
N SER B 149 -15.67 -3.06 -7.74
CA SER B 149 -16.28 -2.28 -6.66
C SER B 149 -15.89 -0.82 -6.79
N ALA B 150 -16.86 0.03 -7.14
CA ALA B 150 -16.60 1.46 -7.31
C ALA B 150 -16.03 2.05 -6.03
N PRO B 151 -15.02 2.93 -6.17
CA PRO B 151 -14.29 3.40 -4.99
C PRO B 151 -15.01 4.42 -4.14
N VAL B 152 -14.48 4.64 -2.94
CA VAL B 152 -15.06 5.59 -2.00
C VAL B 152 -15.30 6.97 -2.60
N SER B 153 -14.37 7.42 -3.43
CA SER B 153 -14.45 8.76 -4.01
C SER B 153 -15.72 8.97 -4.84
N VAL B 154 -16.25 7.88 -5.39
CA VAL B 154 -17.45 8.02 -6.22
CA VAL B 154 -17.44 7.94 -6.24
C VAL B 154 -18.73 7.66 -5.45
N VAL B 155 -18.63 6.73 -4.50
CA VAL B 155 -19.81 6.24 -3.81
C VAL B 155 -20.21 7.06 -2.58
N ALA B 156 -19.23 7.33 -1.72
CA ALA B 156 -19.50 7.99 -0.44
C ALA B 156 -20.22 9.35 -0.49
N PRO B 157 -19.82 10.25 -1.41
CA PRO B 157 -20.47 11.57 -1.40
C PRO B 157 -21.99 11.51 -1.56
N ASN B 158 -22.51 10.47 -2.20
CA ASN B 158 -23.94 10.34 -2.44
C ASN B 158 -24.76 10.32 -1.15
N SER B 159 -24.25 9.69 -0.10
CA SER B 159 -24.98 9.63 1.16
C SER B 159 -25.06 10.99 1.84
N VAL B 160 -24.00 11.78 1.72
CA VAL B 160 -24.02 13.14 2.31
C VAL B 160 -25.03 13.99 1.57
N LYS B 161 -25.06 13.86 0.25
CA LYS B 161 -26.01 14.62 -0.56
C LYS B 161 -27.44 14.21 -0.25
N ALA B 162 -27.65 12.92 0.01
CA ALA B 162 -28.96 12.42 0.37
C ALA B 162 -29.37 12.94 1.75
N ALA B 163 -28.41 13.03 2.66
CA ALA B 163 -28.66 13.53 4.02
C ALA B 163 -29.06 15.00 4.02
N LEU B 164 -28.33 15.81 3.24
CA LEU B 164 -28.61 17.23 3.13
C LEU B 164 -29.94 17.46 2.42
N LYS B 165 -30.30 16.58 1.50
CA LYS B 165 -31.59 16.66 0.85
C LYS B 165 -32.68 16.42 1.88
N GLN B 166 -32.59 15.28 2.56
CA GLN B 166 -33.57 14.90 3.57
C GLN B 166 -33.71 15.98 4.65
N ASN B 167 -32.61 16.69 4.93
CA ASN B 167 -32.65 17.85 5.83
C ASN B 167 -31.54 18.87 5.59
N PRO B 168 -31.88 19.98 4.92
CA PRO B 168 -30.98 21.08 4.56
C PRO B 168 -30.42 21.87 5.74
N ASN B 169 -30.96 21.67 6.95
CA ASN B 169 -30.51 22.45 8.10
C ASN B 169 -29.29 21.87 8.79
N ILE B 170 -28.71 20.83 8.20
CA ILE B 170 -27.44 20.30 8.66
C ILE B 170 -26.36 21.36 8.49
N LYS B 171 -25.63 21.64 9.58
CA LYS B 171 -24.45 22.47 9.51
C LYS B 171 -23.28 21.67 10.10
N LYS B 172 -23.39 21.38 11.39
CA LYS B 172 -22.33 20.71 12.13
C LYS B 172 -22.26 19.21 11.85
N VAL B 173 -21.05 18.71 11.62
CA VAL B 173 -20.82 17.29 11.34
C VAL B 173 -19.64 16.75 12.15
N ALA B 174 -19.82 15.59 12.77
CA ALA B 174 -18.72 14.89 13.45
C ALA B 174 -18.32 13.64 12.67
N VAL B 175 -17.03 13.47 12.43
CA VAL B 175 -16.56 12.33 11.65
C VAL B 175 -15.80 11.30 12.51
N PHE B 176 -16.14 10.02 12.33
CA PHE B 176 -15.45 8.91 13.03
C PHE B 176 -14.80 8.00 12.00
N PHE B 177 -13.60 7.49 12.30
CA PHE B 177 -13.02 6.47 11.44
C PHE B 177 -12.11 5.50 12.15
N ALA B 178 -12.04 4.28 11.61
CA ALA B 178 -11.19 3.23 12.14
C ALA B 178 -9.78 3.43 11.62
N GLN B 179 -8.89 3.90 12.49
CA GLN B 179 -7.55 4.30 12.05
C GLN B 179 -6.63 3.14 11.69
N ASN B 180 -7.04 1.91 12.01
CA ASN B 180 -6.25 0.73 11.69
C ASN B 180 -6.59 0.09 10.35
N ASP B 181 -7.62 0.61 9.69
CA ASP B 181 -8.12 -0.02 8.48
C ASP B 181 -7.96 0.87 7.25
N ALA B 182 -7.29 0.35 6.21
CA ALA B 182 -6.88 1.13 5.04
C ALA B 182 -8.06 1.76 4.30
N PHE B 183 -9.10 0.99 4.09
CA PHE B 183 -10.30 1.53 3.47
C PHE B 183 -10.95 2.64 4.31
N SER B 184 -11.03 2.43 5.63
CA SER B 184 -11.67 3.41 6.51
C SER B 184 -10.91 4.74 6.48
N LYS B 185 -9.59 4.67 6.44
CA LYS B 185 -8.76 5.88 6.35
C LYS B 185 -8.97 6.58 5.02
N SER B 186 -9.10 5.78 3.96
CA SER B 186 -9.30 6.33 2.63
C SER B 186 -10.68 6.96 2.53
N GLU B 187 -11.66 6.30 3.14
CA GLU B 187 -13.05 6.75 3.03
C GLU B 187 -13.24 8.05 3.80
N THR B 188 -12.63 8.13 4.98
CA THR B 188 -12.79 9.30 5.82
C THR B 188 -12.25 10.56 5.14
N GLU B 189 -11.25 10.40 4.30
CA GLU B 189 -10.68 11.54 3.60
C GLU B 189 -11.71 12.10 2.62
N ILE B 190 -12.51 11.21 2.03
CA ILE B 190 -13.57 11.62 1.11
C ILE B 190 -14.78 12.21 1.84
N PHE B 191 -15.25 11.55 2.90
CA PHE B 191 -16.35 12.06 3.71
C PHE B 191 -16.05 13.45 4.28
N GLN B 192 -14.86 13.61 4.84
CA GLN B 192 -14.43 14.89 5.39
C GLN B 192 -14.37 15.98 4.34
N GLN B 193 -13.75 15.65 3.20
CA GLN B 193 -13.65 16.57 2.08
C GLN B 193 -15.04 16.93 1.58
N THR B 194 -15.94 15.95 1.52
CA THR B 194 -17.31 16.17 1.06
C THR B 194 -18.06 17.13 1.98
N VAL B 195 -18.02 16.88 3.28
CA VAL B 195 -18.66 17.79 4.25
C VAL B 195 -18.09 19.19 4.07
N LYS B 196 -16.77 19.27 3.99
CA LYS B 196 -16.08 20.53 3.73
C LYS B 196 -16.51 21.17 2.41
N ASP B 197 -16.47 20.39 1.33
CA ASP B 197 -16.82 20.92 0.01
C ASP B 197 -18.28 21.35 -0.12
N GLN B 198 -19.16 20.70 0.64
CA GLN B 198 -20.58 21.04 0.62
C GLN B 198 -20.87 22.35 1.33
N GLY B 199 -19.95 22.75 2.22
CA GLY B 199 -20.10 23.98 2.95
C GLY B 199 -20.66 23.76 4.34
N LEU B 200 -20.54 22.53 4.83
CA LEU B 200 -21.05 22.16 6.14
C LEU B 200 -19.96 22.37 7.19
N GLU B 201 -20.36 22.34 8.46
CA GLU B 201 -19.43 22.48 9.56
C GLU B 201 -18.89 21.12 9.95
N LEU B 202 -17.59 21.04 10.23
CA LEU B 202 -16.97 19.80 10.67
C LEU B 202 -16.48 20.00 12.08
N VAL B 203 -17.28 19.55 13.04
CA VAL B 203 -16.97 19.81 14.43
C VAL B 203 -15.98 18.85 15.06
N THR B 204 -15.71 17.70 14.40
CA THR B 204 -14.89 16.65 15.02
C THR B 204 -14.32 15.60 14.07
N VAL B 205 -13.15 15.08 14.42
CA VAL B 205 -12.61 13.86 13.82
C VAL B 205 -12.20 12.91 14.95
N GLN B 206 -13.01 11.86 15.15
CA GLN B 206 -12.77 10.91 16.23
C GLN B 206 -12.20 9.62 15.67
N LYS B 207 -11.11 9.12 16.27
CA LYS B 207 -10.51 7.88 15.81
C LYS B 207 -10.89 6.71 16.70
N PHE B 208 -10.97 5.52 16.11
CA PHE B 208 -11.16 4.29 16.85
C PHE B 208 -10.49 3.14 16.09
N GLN B 209 -10.57 1.94 16.64
CA GLN B 209 -9.99 0.75 16.02
C GLN B 209 -11.12 -0.22 15.72
N THR B 210 -10.99 -0.99 14.64
CA THR B 210 -12.03 -1.97 14.30
C THR B 210 -12.22 -3.00 15.42
N THR B 211 -11.20 -3.16 16.26
CA THR B 211 -11.25 -4.13 17.34
C THR B 211 -11.88 -3.59 18.62
N ASP B 212 -12.15 -2.30 18.65
CA ASP B 212 -12.71 -1.67 19.85
C ASP B 212 -14.11 -2.15 20.12
N THR B 213 -14.48 -2.19 21.40
CA THR B 213 -15.85 -2.48 21.79
C THR B 213 -16.47 -1.33 22.57
N ASP B 214 -15.61 -0.48 23.15
CA ASP B 214 -16.04 0.67 23.93
C ASP B 214 -15.78 1.95 23.14
N PHE B 215 -16.84 2.70 22.86
CA PHE B 215 -16.72 3.94 22.11
C PHE B 215 -17.27 5.11 22.94
N GLN B 216 -17.36 4.93 24.25
CA GLN B 216 -17.99 5.91 25.13
C GLN B 216 -17.37 7.30 25.04
N SER B 217 -16.05 7.37 25.15
CA SER B 217 -15.35 8.65 25.12
C SER B 217 -15.48 9.39 23.77
N GLN B 218 -15.25 8.70 22.66
CA GLN B 218 -15.41 9.33 21.34
C GLN B 218 -16.84 9.78 21.09
N ALA B 219 -17.80 8.94 21.48
CA ALA B 219 -19.20 9.25 21.34
C ALA B 219 -19.55 10.51 22.13
N THR B 220 -19.14 10.53 23.39
CA THR B 220 -19.43 11.64 24.28
C THR B 220 -18.79 12.95 23.82
N ASN B 221 -17.53 12.86 23.39
CA ASN B 221 -16.83 14.05 22.89
C ASN B 221 -17.56 14.69 21.73
N ALA B 222 -17.99 13.87 20.77
CA ALA B 222 -18.72 14.37 19.60
C ALA B 222 -20.08 14.92 20.01
N ILE B 223 -20.77 14.21 20.89
CA ILE B 223 -22.09 14.61 21.36
C ILE B 223 -22.08 15.99 22.02
N ASN B 224 -21.04 16.24 22.82
CA ASN B 224 -20.90 17.52 23.49
C ASN B 224 -20.68 18.70 22.53
N LEU B 225 -20.57 18.39 21.23
CA LEU B 225 -20.39 19.41 20.21
C LEU B 225 -21.67 19.75 19.46
N LYS B 226 -22.75 19.09 19.83
CA LYS B 226 -24.04 19.24 19.15
C LYS B 226 -23.93 19.11 17.62
N PRO B 227 -23.50 17.93 17.12
CA PRO B 227 -23.49 17.79 15.66
C PRO B 227 -24.87 17.47 15.11
N ASP B 228 -25.14 17.88 13.88
CA ASP B 228 -26.42 17.61 13.21
C ASP B 228 -26.28 16.39 12.32
N LEU B 229 -25.03 15.98 12.10
CA LEU B 229 -24.74 14.79 11.31
C LEU B 229 -23.46 14.15 11.82
N VAL B 230 -23.47 12.83 11.90
CA VAL B 230 -22.31 12.07 12.29
C VAL B 230 -21.96 11.12 11.16
N ILE B 231 -20.69 11.00 10.81
CA ILE B 231 -20.34 10.10 9.72
C ILE B 231 -19.32 9.06 10.20
N ILE B 232 -19.59 7.79 9.88
CA ILE B 232 -18.80 6.68 10.40
C ILE B 232 -18.16 5.82 9.31
N SER B 233 -16.83 5.78 9.29
CA SER B 233 -16.10 4.88 8.43
C SER B 233 -15.41 3.80 9.26
N GLY B 234 -16.03 2.64 9.34
CA GLY B 234 -15.45 1.51 10.05
C GLY B 234 -15.93 0.26 9.35
N LEU B 235 -15.82 -0.89 10.00
CA LEU B 235 -16.40 -2.10 9.44
C LEU B 235 -17.72 -2.43 10.18
N ALA B 236 -18.24 -3.65 9.99
CA ALA B 236 -19.63 -3.96 10.35
C ALA B 236 -19.91 -4.06 11.85
N ALA B 237 -19.10 -4.84 12.56
CA ALA B 237 -19.32 -5.04 13.99
C ALA B 237 -18.97 -3.77 14.79
N ASP B 238 -17.81 -3.18 14.47
CA ASP B 238 -17.38 -1.94 15.12
C ASP B 238 -18.27 -0.75 14.75
N GLY B 239 -18.58 -0.61 13.47
CA GLY B 239 -19.45 0.46 13.02
C GLY B 239 -20.85 0.37 13.63
N GLY B 240 -21.40 -0.84 13.60
CA GLY B 240 -22.73 -1.06 14.16
C GLY B 240 -22.78 -0.74 15.64
N ASN B 241 -21.76 -1.16 16.38
CA ASN B 241 -21.73 -0.91 17.81
C ASN B 241 -21.50 0.56 18.12
N LEU B 242 -20.83 1.26 17.21
CA LEU B 242 -20.63 2.69 17.37
C LEU B 242 -21.94 3.46 17.16
N VAL B 243 -22.72 3.06 16.15
CA VAL B 243 -24.05 3.62 15.94
C VAL B 243 -24.87 3.41 17.21
N ARG B 244 -24.93 2.16 17.66
CA ARG B 244 -25.67 1.78 18.87
C ARG B 244 -25.32 2.66 20.07
N GLN B 245 -24.03 2.79 20.36
CA GLN B 245 -23.58 3.55 21.55
C GLN B 245 -23.83 5.06 21.44
N LEU B 246 -23.67 5.61 20.24
CA LEU B 246 -24.03 7.01 19.97
C LEU B 246 -25.50 7.27 20.31
N ARG B 247 -26.37 6.38 19.83
CA ARG B 247 -27.80 6.50 20.08
C ARG B 247 -28.09 6.32 21.56
N GLU B 248 -27.38 5.38 22.19
CA GLU B 248 -27.62 5.09 23.60
C GLU B 248 -27.29 6.29 24.47
N LEU B 249 -26.33 7.10 24.01
CA LEU B 249 -25.89 8.25 24.78
C LEU B 249 -26.67 9.52 24.46
N GLY B 250 -27.72 9.38 23.65
CA GLY B 250 -28.64 10.47 23.43
C GLY B 250 -28.53 11.21 22.10
N TYR B 251 -27.63 10.77 21.23
CA TYR B 251 -27.49 11.43 19.92
C TYR B 251 -28.68 11.10 19.02
N GLN B 252 -29.39 12.14 18.61
CA GLN B 252 -30.60 11.94 17.81
C GLN B 252 -30.48 12.63 16.45
N GLY B 253 -29.27 13.08 16.13
CA GLY B 253 -29.02 13.71 14.85
C GLY B 253 -28.79 12.68 13.76
N ALA B 254 -28.56 13.14 12.53
CA ALA B 254 -28.41 12.23 11.39
C ALA B 254 -27.13 11.42 11.39
N ILE B 255 -27.20 10.21 10.85
CA ILE B 255 -26.06 9.30 10.78
C ILE B 255 -25.90 8.75 9.38
N ILE B 256 -24.67 8.79 8.87
CA ILE B 256 -24.34 8.10 7.65
C ILE B 256 -23.35 7.00 7.99
N GLY B 257 -23.59 5.81 7.46
CA GLY B 257 -22.64 4.70 7.60
C GLY B 257 -21.93 4.49 6.29
N GLY B 258 -20.63 4.22 6.36
CA GLY B 258 -19.83 3.98 5.17
C GLY B 258 -19.97 2.56 4.66
N ASP B 259 -19.22 2.25 3.60
CA ASP B 259 -19.33 0.95 2.92
C ASP B 259 -19.08 -0.23 3.84
N GLY B 260 -18.30 0.01 4.90
CA GLY B 260 -18.00 -1.01 5.88
C GLY B 260 -19.17 -1.40 6.74
N LEU B 261 -20.21 -0.58 6.73
CA LEU B 261 -21.43 -0.89 7.49
C LEU B 261 -22.54 -1.39 6.56
N ASN B 262 -22.24 -1.50 5.27
CA ASN B 262 -23.26 -1.81 4.28
C ASN B 262 -23.63 -3.30 4.20
N THR B 263 -24.23 -3.80 5.27
CA THR B 263 -24.64 -5.19 5.34
C THR B 263 -25.80 -5.35 6.30
N SER B 264 -26.76 -6.20 5.94
CA SER B 264 -27.92 -6.43 6.80
C SER B 264 -27.51 -7.13 8.10
N ASN B 265 -26.26 -7.59 8.15
CA ASN B 265 -25.71 -8.13 9.39
C ASN B 265 -25.54 -7.06 10.46
N VAL B 266 -25.50 -5.79 10.03
CA VAL B 266 -25.41 -4.71 11.00
C VAL B 266 -26.72 -4.56 11.77
N PHE B 267 -27.81 -5.10 11.22
CA PHE B 267 -29.13 -5.01 11.87
C PHE B 267 -29.08 -5.70 13.22
N ALA B 268 -28.36 -6.82 13.29
CA ALA B 268 -28.27 -7.59 14.52
C ALA B 268 -27.24 -6.99 15.49
N VAL B 269 -26.58 -5.92 15.08
CA VAL B 269 -25.63 -5.25 15.96
C VAL B 269 -26.28 -4.03 16.63
N CYS B 270 -26.79 -3.08 15.85
CA CYS B 270 -27.41 -1.90 16.45
C CYS B 270 -28.92 -2.04 16.69
N LYS B 271 -29.51 -3.14 16.22
CA LYS B 271 -30.94 -3.40 16.44
C LYS B 271 -31.80 -2.21 16.01
N ALA B 272 -32.84 -1.87 16.76
CA ALA B 272 -33.70 -0.76 16.34
C ALA B 272 -32.94 0.58 16.25
N LEU B 273 -31.78 0.64 16.88
CA LEU B 273 -30.96 1.87 16.85
C LEU B 273 -30.20 2.07 15.53
N CYS B 274 -30.28 1.10 14.62
CA CYS B 274 -29.71 1.27 13.28
C CYS B 274 -30.60 2.13 12.42
N ASP B 275 -31.87 2.21 12.81
CA ASP B 275 -32.86 2.88 11.98
C ASP B 275 -32.45 4.30 11.57
N GLY B 276 -32.51 4.56 10.27
CA GLY B 276 -32.27 5.90 9.73
C GLY B 276 -30.86 6.11 9.23
N VAL B 277 -29.99 5.14 9.46
CA VAL B 277 -28.64 5.26 8.94
C VAL B 277 -28.77 5.26 7.42
N LEU B 278 -28.20 6.28 6.80
CA LEU B 278 -28.12 6.34 5.35
C LEU B 278 -26.84 5.66 4.93
N ILE B 279 -26.94 4.78 3.94
CA ILE B 279 -25.77 4.09 3.40
C ILE B 279 -25.80 4.12 1.88
N ALA B 280 -24.76 4.70 1.28
CA ALA B 280 -24.62 4.75 -0.17
C ALA B 280 -24.51 3.34 -0.75
N GLN B 281 -24.99 3.17 -1.99
CA GLN B 281 -25.03 1.86 -2.61
C GLN B 281 -24.46 1.89 -4.04
N ALA B 282 -23.73 0.85 -4.40
CA ALA B 282 -23.23 0.71 -5.77
C ALA B 282 -24.01 -0.36 -6.50
N TYR B 283 -25.20 -0.65 -6.00
CA TYR B 283 -26.07 -1.68 -6.54
C TYR B 283 -27.52 -1.45 -6.13
N SER B 284 -28.46 -1.75 -7.03
CA SER B 284 -29.86 -1.73 -6.66
C SER B 284 -30.58 -3.01 -7.11
N PRO B 285 -31.26 -3.69 -6.17
CA PRO B 285 -32.04 -4.89 -6.49
C PRO B 285 -33.11 -4.61 -7.57
N GLU B 286 -33.54 -3.36 -7.68
CA GLU B 286 -34.60 -3.00 -8.63
C GLU B 286 -34.10 -2.69 -10.04
N TYR B 287 -32.79 -2.66 -10.22
CA TYR B 287 -32.21 -2.42 -11.54
C TYR B 287 -32.70 -3.48 -12.51
N THR B 288 -33.15 -3.06 -13.69
CA THR B 288 -33.91 -3.93 -14.59
C THR B 288 -33.10 -4.69 -15.64
N GLY B 289 -31.78 -4.68 -15.53
CA GLY B 289 -30.95 -5.49 -16.41
C GLY B 289 -31.34 -6.94 -16.29
N GLU B 290 -31.32 -7.66 -17.41
CA GLU B 290 -31.82 -9.03 -17.44
C GLU B 290 -31.06 -9.97 -16.51
N ILE B 291 -29.75 -9.80 -16.40
CA ILE B 291 -29.00 -10.69 -15.52
C ILE B 291 -29.21 -10.33 -14.05
N ASN B 292 -29.53 -9.07 -13.77
CA ASN B 292 -29.85 -8.68 -12.41
C ASN B 292 -31.15 -9.32 -11.98
N LYS B 293 -32.12 -9.37 -12.90
CA LYS B 293 -33.39 -10.02 -12.59
C LYS B 293 -33.15 -11.48 -12.26
N ALA B 294 -32.24 -12.12 -12.99
CA ALA B 294 -31.97 -13.54 -12.78
C ALA B 294 -31.14 -13.77 -11.51
N PHE B 295 -30.18 -12.88 -11.27
CA PHE B 295 -29.42 -12.93 -10.03
C PHE B 295 -30.31 -12.69 -8.82
N ARG B 296 -31.14 -11.65 -8.91
CA ARG B 296 -32.04 -11.27 -7.82
C ARG B 296 -32.99 -12.41 -7.46
N GLN B 297 -33.53 -13.07 -8.48
CA GLN B 297 -34.49 -14.15 -8.24
C GLN B 297 -33.82 -15.33 -7.56
N ALA B 298 -32.63 -15.68 -8.03
CA ALA B 298 -31.86 -16.76 -7.44
C ALA B 298 -31.53 -16.45 -5.99
N TYR B 299 -31.16 -15.21 -5.70
CA TYR B 299 -30.83 -14.83 -4.32
C TYR B 299 -32.09 -14.86 -3.44
N VAL B 300 -33.16 -14.24 -3.94
CA VAL B 300 -34.42 -14.18 -3.20
C VAL B 300 -35.00 -15.57 -2.96
N ASP B 301 -34.86 -16.45 -3.94
CA ASP B 301 -35.37 -17.81 -3.83
C ASP B 301 -34.64 -18.58 -2.73
N GLN B 302 -33.45 -18.12 -2.37
CA GLN B 302 -32.62 -18.86 -1.44
C GLN B 302 -32.56 -18.24 -0.04
N TYR B 303 -32.50 -16.92 0.02
CA TYR B 303 -32.33 -16.25 1.31
C TYR B 303 -33.54 -15.42 1.74
N LYS B 304 -34.60 -15.43 0.93
CA LYS B 304 -35.86 -14.76 1.24
C LYS B 304 -35.73 -13.26 1.54
N LYS B 305 -34.60 -12.67 1.17
CA LYS B 305 -34.42 -11.22 1.30
C LYS B 305 -33.78 -10.70 0.01
N GLU B 306 -33.80 -9.38 -0.16
CA GLU B 306 -33.17 -8.78 -1.33
C GLU B 306 -31.66 -8.96 -1.32
N PRO B 307 -31.07 -9.15 -2.50
CA PRO B 307 -29.60 -9.26 -2.60
C PRO B 307 -28.91 -7.99 -2.13
N PRO B 308 -27.95 -8.12 -1.22
CA PRO B 308 -27.16 -6.96 -0.79
C PRO B 308 -26.06 -6.63 -1.80
N GLN B 309 -25.57 -5.39 -1.74
CA GLN B 309 -24.51 -4.90 -2.61
C GLN B 309 -23.35 -5.89 -2.73
N PHE B 310 -22.85 -6.36 -1.58
CA PHE B 310 -21.67 -7.22 -1.58
C PHE B 310 -21.91 -8.55 -2.31
N SER B 311 -23.14 -9.05 -2.28
CA SER B 311 -23.47 -10.27 -3.05
C SER B 311 -23.47 -10.00 -4.54
N ALA B 312 -24.03 -8.86 -4.93
CA ALA B 312 -24.09 -8.48 -6.33
C ALA B 312 -22.69 -8.22 -6.88
N GLN B 313 -21.84 -7.62 -6.06
CA GLN B 313 -20.48 -7.32 -6.53
C GLN B 313 -19.65 -8.58 -6.68
N ALA B 314 -19.83 -9.54 -5.78
CA ALA B 314 -19.12 -10.81 -5.90
C ALA B 314 -19.60 -11.57 -7.14
N PHE B 315 -20.91 -11.59 -7.38
CA PHE B 315 -21.44 -12.19 -8.60
C PHE B 315 -20.76 -11.55 -9.82
N ALA B 316 -20.72 -10.22 -9.84
CA ALA B 316 -20.16 -9.48 -10.96
C ALA B 316 -18.70 -9.86 -11.21
N ALA B 317 -17.94 -10.06 -10.13
CA ALA B 317 -16.55 -10.46 -10.27
C ALA B 317 -16.42 -11.82 -10.96
N VAL B 318 -17.25 -12.77 -10.55
CA VAL B 318 -17.24 -14.08 -11.18
C VAL B 318 -17.68 -13.96 -12.64
N GLN B 319 -18.72 -13.16 -12.87
CA GLN B 319 -19.19 -12.91 -14.23
C GLN B 319 -18.08 -12.41 -15.16
N VAL B 320 -17.28 -11.47 -14.67
CA VAL B 320 -16.18 -10.93 -15.47
C VAL B 320 -15.24 -12.04 -15.88
N TYR B 321 -14.90 -12.94 -14.95
CA TYR B 321 -14.03 -14.06 -15.29
C TYR B 321 -14.68 -15.00 -16.30
N VAL B 322 -15.94 -15.36 -16.08
CA VAL B 322 -16.62 -16.28 -16.99
C VAL B 322 -16.71 -15.71 -18.40
N GLU B 323 -17.16 -14.46 -18.51
CA GLU B 323 -17.33 -13.88 -19.84
C GLU B 323 -15.99 -13.61 -20.54
N SER B 324 -14.96 -13.28 -19.75
CA SER B 324 -13.65 -13.08 -20.34
C SER B 324 -13.06 -14.40 -20.78
N LEU B 325 -13.28 -15.45 -19.98
CA LEU B 325 -12.84 -16.78 -20.38
C LEU B 325 -13.54 -17.21 -21.67
N LYS B 326 -14.83 -16.90 -21.79
CA LYS B 326 -15.55 -17.24 -23.01
C LYS B 326 -15.00 -16.47 -24.21
N ALA B 327 -14.71 -15.19 -24.01
CA ALA B 327 -14.19 -14.36 -25.10
C ALA B 327 -12.82 -14.82 -25.55
N LEU B 328 -11.95 -15.09 -24.57
CA LEU B 328 -10.62 -15.63 -24.85
C LEU B 328 -10.72 -16.97 -25.57
N ASP B 329 -11.55 -17.85 -25.04
CA ASP B 329 -11.69 -19.20 -25.58
C ASP B 329 -12.17 -19.20 -27.03
N THR B 330 -12.98 -18.21 -27.38
CA THR B 330 -13.47 -18.06 -28.74
C THR B 330 -12.32 -17.75 -29.68
N LYS B 331 -11.38 -16.92 -29.21
CA LYS B 331 -10.26 -16.51 -30.06
C LYS B 331 -9.19 -17.57 -30.09
N ASN B 332 -8.95 -18.17 -28.93
CA ASN B 332 -7.93 -19.21 -28.77
C ASN B 332 -8.35 -20.18 -27.68
N LYS B 333 -8.62 -21.42 -28.06
CA LYS B 333 -9.14 -22.44 -27.14
C LYS B 333 -8.30 -22.53 -25.88
N VAL B 334 -8.93 -22.23 -24.74
CA VAL B 334 -8.18 -22.14 -23.49
C VAL B 334 -7.65 -23.49 -23.03
N SER B 335 -8.16 -24.58 -23.59
CA SER B 335 -7.67 -25.91 -23.21
C SER B 335 -6.33 -26.21 -23.88
N LYS B 336 -5.92 -25.36 -24.83
CA LYS B 336 -4.63 -25.52 -25.50
C LYS B 336 -3.57 -24.64 -24.87
N ILE B 337 -3.99 -23.76 -23.98
CA ILE B 337 -3.09 -22.77 -23.39
C ILE B 337 -2.55 -23.27 -22.05
N GLN B 338 -1.24 -23.20 -21.87
CA GLN B 338 -0.65 -23.55 -20.58
C GLN B 338 -0.97 -22.47 -19.56
N LEU B 339 -0.95 -22.83 -18.28
CA LEU B 339 -1.42 -21.96 -17.21
C LEU B 339 -0.84 -20.54 -17.15
N PRO B 340 0.49 -20.40 -17.23
CA PRO B 340 0.98 -19.01 -17.10
C PRO B 340 0.52 -18.11 -18.24
N GLU B 341 0.48 -18.63 -19.46
CA GLU B 341 -0.03 -17.85 -20.57
C GLU B 341 -1.55 -17.60 -20.44
N LEU B 342 -2.28 -18.61 -19.97
CA LEU B 342 -3.72 -18.45 -19.78
C LEU B 342 -4.02 -17.33 -18.79
N ARG B 343 -3.27 -17.30 -17.69
CA ARG B 343 -3.43 -16.23 -16.70
C ARG B 343 -3.17 -14.85 -17.29
N THR B 344 -2.08 -14.71 -18.05
CA THR B 344 -1.75 -13.42 -18.64
C THR B 344 -2.76 -13.03 -19.72
N GLU B 345 -3.16 -13.98 -20.54
CA GLU B 345 -4.16 -13.69 -21.57
C GLU B 345 -5.54 -13.39 -21.00
N LEU B 346 -5.91 -14.09 -19.93
CA LEU B 346 -7.16 -13.82 -19.25
C LEU B 346 -7.18 -12.42 -18.64
N ASN B 347 -6.09 -12.04 -17.99
CA ASN B 347 -5.98 -10.69 -17.45
C ASN B 347 -6.12 -9.62 -18.54
N LYS B 348 -5.41 -9.83 -19.65
CA LYS B 348 -5.45 -8.91 -20.77
C LYS B 348 -6.89 -8.81 -21.31
N GLN B 349 -7.53 -9.96 -21.48
CA GLN B 349 -8.90 -10.01 -21.99
C GLN B 349 -9.90 -9.30 -21.07
N LEU B 350 -9.85 -9.59 -19.78
CA LEU B 350 -10.87 -9.06 -18.88
C LEU B 350 -10.88 -7.53 -18.85
N LEU B 351 -9.70 -6.92 -18.94
CA LEU B 351 -9.60 -5.46 -18.96
C LEU B 351 -10.27 -4.80 -20.17
N THR B 352 -10.44 -5.57 -21.25
CA THR B 352 -11.02 -5.01 -22.48
C THR B 352 -12.54 -5.21 -22.58
N GLY B 353 -13.09 -6.00 -21.68
CA GLY B 353 -14.49 -6.40 -21.78
C GLY B 353 -15.52 -5.39 -21.34
N LYS B 354 -16.74 -5.55 -21.88
CA LYS B 354 -17.90 -4.81 -21.41
C LYS B 354 -18.88 -5.83 -20.86
N TYR B 355 -19.43 -5.56 -19.67
CA TYR B 355 -20.23 -6.56 -18.99
C TYR B 355 -21.56 -6.00 -18.53
N ASN B 356 -22.64 -6.69 -18.88
CA ASN B 356 -23.96 -6.35 -18.36
C ASN B 356 -24.22 -7.16 -17.10
N THR B 357 -23.96 -6.54 -15.94
CA THR B 357 -23.92 -7.23 -14.66
C THR B 357 -25.07 -6.80 -13.75
N PRO B 358 -25.22 -7.43 -12.58
CA PRO B 358 -26.22 -6.91 -11.64
C PRO B 358 -25.96 -5.45 -11.25
N LEU B 359 -24.70 -5.01 -11.31
CA LEU B 359 -24.34 -3.65 -10.97
C LEU B 359 -24.66 -2.67 -12.09
N GLY B 360 -25.16 -3.20 -13.20
CA GLY B 360 -25.35 -2.41 -14.41
C GLY B 360 -24.27 -2.71 -15.43
N GLU B 361 -24.24 -1.92 -16.50
CA GLU B 361 -23.20 -2.06 -17.52
C GLU B 361 -21.87 -1.51 -17.00
N ILE B 362 -20.89 -2.39 -16.85
CA ILE B 362 -19.58 -1.96 -16.38
C ILE B 362 -18.46 -2.36 -17.33
N SER B 363 -17.34 -1.67 -17.19
CA SER B 363 -16.13 -1.98 -17.92
C SER B 363 -14.94 -1.54 -17.08
N PHE B 364 -13.75 -1.66 -17.64
CA PHE B 364 -12.54 -1.24 -16.93
C PHE B 364 -11.78 -0.21 -17.72
N THR B 365 -11.05 0.65 -17.01
CA THR B 365 -10.00 1.46 -17.61
C THR B 365 -8.78 0.56 -17.69
N PRO B 366 -7.74 0.96 -18.45
CA PRO B 366 -6.57 0.08 -18.60
C PRO B 366 -5.84 -0.22 -17.29
N ILE B 367 -6.02 0.62 -16.27
CA ILE B 367 -5.36 0.39 -14.99
C ILE B 367 -6.18 -0.54 -14.09
N GLY B 368 -7.37 -0.92 -14.55
CA GLY B 368 -8.20 -1.85 -13.81
C GLY B 368 -9.26 -1.22 -12.92
N GLU B 369 -9.49 0.08 -13.08
CA GLU B 369 -10.55 0.77 -12.34
C GLU B 369 -11.87 0.44 -12.98
N VAL B 370 -12.91 0.28 -12.17
CA VAL B 370 -14.23 -0.02 -12.71
C VAL B 370 -14.85 1.23 -13.29
N VAL B 371 -15.59 1.05 -14.39
CA VAL B 371 -16.38 2.12 -14.98
C VAL B 371 -17.83 1.77 -14.73
N GLN B 372 -18.52 2.59 -13.95
CA GLN B 372 -19.90 2.34 -13.55
C GLN B 372 -20.63 3.66 -13.39
N LYS B 373 -21.82 3.76 -13.95
CA LYS B 373 -22.54 5.03 -14.00
C LYS B 373 -23.50 5.30 -12.84
N ASP B 374 -24.24 4.26 -12.42
CA ASP B 374 -25.37 4.49 -11.52
C ASP B 374 -25.09 4.13 -10.07
N PHE B 375 -25.45 5.05 -9.17
CA PHE B 375 -25.27 4.83 -7.74
C PHE B 375 -26.52 5.27 -7.00
N TYR B 376 -26.67 4.78 -5.77
CA TYR B 376 -27.90 4.97 -5.03
C TYR B 376 -27.59 5.24 -3.57
N VAL B 377 -28.61 5.66 -2.83
CA VAL B 377 -28.53 5.70 -1.37
C VAL B 377 -29.73 4.98 -0.82
N ALA B 378 -29.49 4.12 0.17
CA ALA B 378 -30.57 3.41 0.84
C ALA B 378 -30.60 3.81 2.31
N GLN B 379 -31.75 3.59 2.92
CA GLN B 379 -31.97 4.00 4.30
C GLN B 379 -32.40 2.79 5.11
N ILE B 380 -31.70 2.51 6.21
CA ILE B 380 -32.06 1.38 7.04
C ILE B 380 -33.42 1.65 7.64
N LYS B 381 -34.37 0.78 7.34
CA LYS B 381 -35.71 0.88 7.88
C LYS B 381 -35.93 -0.31 8.78
N GLU B 383 -38.08 -2.50 11.85
CA GLU B 383 -39.26 -2.80 12.63
C GLU B 383 -39.04 -2.38 14.08
N LYS B 384 -40.13 -2.10 14.77
CA LYS B 384 -40.10 -1.51 16.10
C LYS B 384 -39.35 -2.34 17.14
N ASP B 385 -39.47 -3.66 17.08
CA ASP B 385 -38.83 -4.52 18.07
C ASP B 385 -37.35 -4.73 17.76
N GLY B 386 -36.94 -4.34 16.57
CA GLY B 386 -35.56 -4.43 16.16
C GLY B 386 -35.20 -5.81 15.63
N SER B 387 -36.20 -6.66 15.45
CA SER B 387 -35.96 -8.07 15.16
C SER B 387 -35.66 -8.32 13.68
N GLN B 388 -36.14 -7.42 12.84
CA GLN B 388 -35.93 -7.53 11.40
C GLN B 388 -35.83 -6.16 10.78
N GLY B 389 -35.17 -6.08 9.63
CA GLY B 389 -35.08 -4.84 8.89
C GLY B 389 -34.89 -5.00 7.40
N LYS B 390 -34.86 -3.88 6.69
CA LYS B 390 -34.61 -3.89 5.26
C LYS B 390 -34.02 -2.56 4.82
N PHE B 391 -33.29 -2.59 3.70
CA PHE B 391 -32.76 -1.36 3.12
C PHE B 391 -33.78 -0.78 2.15
N THR B 392 -34.24 0.43 2.45
CA THR B 392 -35.19 1.12 1.59
C THR B 392 -34.43 2.06 0.66
N PHE B 393 -34.60 1.87 -0.65
CA PHE B 393 -33.89 2.70 -1.61
C PHE B 393 -34.56 4.04 -1.85
N LEU B 394 -33.77 5.11 -1.75
CA LEU B 394 -34.27 6.46 -1.94
C LEU B 394 -34.48 6.76 -3.42
N LYS B 395 -35.52 7.53 -3.72
CA LYS B 395 -35.81 7.97 -5.08
C LYS B 395 -35.46 9.45 -5.23
#